data_8PMR
#
_entry.id   8PMR
#
_cell.length_a   65.897
_cell.length_b   65.897
_cell.length_c   488.199
_cell.angle_alpha   90.000
_cell.angle_beta   90.000
_cell.angle_gamma   120.000
#
_symmetry.space_group_name_H-M   'P 65'
#
loop_
_entity.id
_entity.type
_entity.pdbx_description
1 polymer 'Conidial surface nicotinamide adenine dinucleotide glycohydrolase nadA'
2 branched 2-acetamido-2-deoxy-beta-D-glucopyranose-(1-4)-2-acetamido-2-deoxy-beta-D-glucopyranose
3 branched beta-D-mannopyranose-(1-4)-2-acetamido-2-deoxy-beta-D-glucopyranose-(1-4)-[alpha-L-fucopyranose-(1-6)]2-acetamido-2-deoxy-beta-D-glucopyranose
4 branched alpha-L-fucopyranose-(1-6)-2-acetamido-2-deoxy-beta-D-glucopyranose
5 branched alpha-D-mannopyranose-(1-6)-beta-D-mannopyranose-(1-4)-2-acetamido-2-deoxy-beta-D-glucopyranose-(1-4)-[alpha-L-fucopyranose-(1-6)]2-acetamido-2-deoxy-beta-D-glucopyranose
6 branched 2-acetamido-2-deoxy-beta-D-glucopyranose-(1-4)-[alpha-L-fucopyranose-(1-6)]2-acetamido-2-deoxy-beta-D-glucopyranose
7 non-polymer '2-(N-MORPHOLINO)-ETHANESULFONIC ACID'
8 non-polymer 2-acetamido-2-deoxy-beta-D-glucopyranose
9 non-polymer GLYCEROL
10 non-polymer DI(HYDROXYETHYL)ETHER
11 non-polymer 1,2-ETHANEDIOL
12 water water
#
_entity_poly.entity_id   1
_entity_poly.type   'polypeptide(L)'
_entity_poly.pdbx_seq_one_letter_code
;MIFTNAILVISALLPATVLSLQHTEDSLFPARCWPDPCAGITFQNDTYVCGDPRLGPVVLPQKFPLNNELRTYARFGALC
PAEFLDKWATDVAPNGTYIYPPANGFALDTEEQPILGNATLPVGMKLDRFGSEYGTFLAPLGAPYIERSLPPSNLNTFDG
MYPYNYHVYQVTKEFVVGLGPIAPWFEQPGMGTQFVTYTNVLGLIDDGYLRRLDESEYAAKVEYSNPYTPGPNQDVLFQG
PGHHHHHH
;
_entity_poly.pdbx_strand_id   A,B,C,D
#
loop_
_chem_comp.id
_chem_comp.type
_chem_comp.name
_chem_comp.formula
BMA D-saccharide, beta linking beta-D-mannopyranose 'C6 H12 O6'
EDO non-polymer 1,2-ETHANEDIOL 'C2 H6 O2'
FUC L-saccharide, alpha linking alpha-L-fucopyranose 'C6 H12 O5'
GOL non-polymer GLYCEROL 'C3 H8 O3'
MAN D-saccharide, alpha linking alpha-D-mannopyranose 'C6 H12 O6'
MES non-polymer '2-(N-MORPHOLINO)-ETHANESULFONIC ACID' 'C6 H13 N O4 S'
NAG D-saccharide, beta linking 2-acetamido-2-deoxy-beta-D-glucopyranose 'C8 H15 N O6'
PEG non-polymer DI(HYDROXYETHYL)ETHER 'C4 H10 O3'
#
# COMPACT_ATOMS: atom_id res chain seq x y z
N HIS A 23 10.90 -1.85 -8.70
CA HIS A 23 9.90 -0.88 -9.14
C HIS A 23 8.57 -1.56 -9.51
N THR A 24 7.50 -0.79 -9.56
CA THR A 24 6.18 -1.34 -9.87
C THR A 24 6.07 -1.61 -11.37
N GLU A 25 5.77 -2.86 -11.72
CA GLU A 25 5.47 -3.23 -13.10
C GLU A 25 3.95 -3.21 -13.32
N ASP A 26 3.55 -2.80 -14.51
CA ASP A 26 2.14 -2.77 -14.86
C ASP A 26 1.63 -4.20 -15.06
N SER A 27 0.39 -4.43 -14.65
CA SER A 27 -0.18 -5.77 -14.74
C SER A 27 -1.67 -5.67 -14.48
N LEU A 28 -2.38 -6.74 -14.83
CA LEU A 28 -3.82 -6.84 -14.63
C LEU A 28 -4.18 -6.61 -13.16
N PHE A 29 -3.66 -7.46 -12.28
CA PHE A 29 -3.92 -7.30 -10.86
C PHE A 29 -2.70 -6.72 -10.13
N PRO A 30 -2.92 -5.88 -9.08
CA PRO A 30 -1.88 -5.57 -8.09
C PRO A 30 -1.21 -6.87 -7.63
N ALA A 31 0.10 -6.81 -7.38
CA ALA A 31 0.88 -8.00 -7.01
C ALA A 31 0.36 -8.63 -5.71
N ARG A 32 -0.15 -7.80 -4.80
CA ARG A 32 -0.71 -8.26 -3.52
C ARG A 32 -1.86 -9.24 -3.68
N CYS A 33 -2.57 -9.20 -4.81
CA CYS A 33 -3.76 -10.03 -4.97
C CYS A 33 -3.46 -11.51 -5.21
N TRP A 34 -2.23 -11.87 -5.56
CA TRP A 34 -1.91 -13.27 -5.76
C TRP A 34 -1.73 -13.99 -4.41
N PRO A 35 -1.92 -15.33 -4.38
CA PRO A 35 -2.09 -16.29 -5.47
C PRO A 35 -3.48 -16.41 -6.08
N ASP A 36 -4.52 -15.87 -5.44
CA ASP A 36 -5.90 -16.02 -5.91
C ASP A 36 -6.54 -14.64 -5.95
N PRO A 37 -6.23 -13.83 -6.96
CA PRO A 37 -6.79 -12.48 -7.03
C PRO A 37 -8.29 -12.46 -7.22
N CYS A 38 -8.86 -13.52 -7.79
CA CYS A 38 -10.29 -13.60 -8.06
C CYS A 38 -11.11 -14.15 -6.88
N ALA A 39 -10.51 -14.17 -5.69
CA ALA A 39 -11.16 -14.70 -4.49
C ALA A 39 -12.47 -13.97 -4.23
N GLY A 40 -13.52 -14.74 -3.97
CA GLY A 40 -14.83 -14.18 -3.75
C GLY A 40 -15.62 -13.84 -5.00
N ILE A 41 -15.05 -13.99 -6.20
CA ILE A 41 -15.72 -13.61 -7.44
C ILE A 41 -16.29 -14.86 -8.09
N THR A 42 -17.57 -14.83 -8.40
CA THR A 42 -18.17 -15.95 -9.12
C THR A 42 -17.74 -15.90 -10.57
N PHE A 43 -17.15 -16.98 -11.05
CA PHE A 43 -16.66 -17.04 -12.43
C PHE A 43 -17.81 -17.37 -13.35
N GLN A 44 -18.13 -16.46 -14.28
CA GLN A 44 -19.25 -16.69 -15.19
C GLN A 44 -18.81 -16.91 -16.62
N ASN A 45 -17.85 -16.14 -17.12
CA ASN A 45 -17.59 -16.11 -18.56
C ASN A 45 -16.16 -15.65 -18.77
N ASP A 46 -15.35 -16.49 -19.42
CA ASP A 46 -13.91 -16.24 -19.48
C ASP A 46 -13.53 -15.07 -20.41
N THR A 47 -14.49 -14.43 -21.07
CA THR A 47 -14.22 -13.17 -21.77
C THR A 47 -13.78 -12.07 -20.81
N TYR A 48 -14.24 -12.14 -19.56
CA TYR A 48 -14.10 -11.06 -18.60
C TYR A 48 -13.11 -11.43 -17.49
N VAL A 49 -12.56 -10.37 -16.87
CA VAL A 49 -11.58 -10.56 -15.80
C VAL A 49 -12.26 -11.28 -14.65
N CYS A 50 -11.61 -12.33 -14.14
CA CYS A 50 -12.18 -13.24 -13.12
C CYS A 50 -13.51 -13.87 -13.55
N GLY A 51 -13.80 -13.93 -14.86
CA GLY A 51 -15.09 -14.41 -15.33
C GLY A 51 -16.27 -13.49 -15.05
N ASP A 52 -16.03 -12.26 -14.60
CA ASP A 52 -17.11 -11.36 -14.17
C ASP A 52 -17.21 -10.15 -15.08
N PRO A 53 -18.32 -9.99 -15.82
CA PRO A 53 -18.45 -8.88 -16.79
C PRO A 53 -18.32 -7.52 -16.14
N ARG A 54 -18.67 -7.39 -14.86
CA ARG A 54 -18.48 -6.12 -14.14
C ARG A 54 -17.00 -5.69 -14.08
N LEU A 55 -16.06 -6.62 -14.21
CA LEU A 55 -14.64 -6.33 -14.11
C LEU A 55 -13.99 -6.06 -15.47
N GLY A 56 -14.79 -6.01 -16.54
CA GLY A 56 -14.30 -5.61 -17.84
C GLY A 56 -13.62 -6.74 -18.57
N PRO A 57 -13.23 -6.50 -19.83
CA PRO A 57 -12.70 -7.59 -20.66
C PRO A 57 -11.25 -7.91 -20.34
N VAL A 58 -10.90 -9.18 -20.55
CA VAL A 58 -9.51 -9.60 -20.39
C VAL A 58 -8.63 -8.94 -21.45
N VAL A 59 -9.06 -8.97 -22.71
CA VAL A 59 -8.27 -8.47 -23.83
C VAL A 59 -8.47 -6.96 -23.97
N LEU A 60 -7.39 -6.20 -23.90
CA LEU A 60 -7.45 -4.75 -24.01
C LEU A 60 -7.08 -4.29 -25.41
N PRO A 61 -7.46 -3.07 -25.79
CA PRO A 61 -7.18 -2.58 -27.15
C PRO A 61 -5.68 -2.45 -27.41
N GLN A 62 -5.28 -2.77 -28.64
CA GLN A 62 -3.88 -2.68 -29.04
C GLN A 62 -3.64 -1.61 -30.10
N LYS A 63 -4.66 -0.82 -30.46
CA LYS A 63 -4.53 0.14 -31.54
C LYS A 63 -4.96 1.54 -31.10
N PHE A 64 -4.42 2.53 -31.81
CA PHE A 64 -4.78 3.94 -31.60
C PHE A 64 -6.24 4.18 -31.99
N PRO A 65 -6.97 5.05 -31.27
CA PRO A 65 -6.59 5.83 -30.10
C PRO A 65 -6.82 5.13 -28.78
N LEU A 66 -7.53 3.99 -28.82
CA LEU A 66 -7.94 3.32 -27.60
C LEU A 66 -6.74 2.98 -26.71
N ASN A 67 -5.65 2.51 -27.31
CA ASN A 67 -4.48 2.17 -26.53
C ASN A 67 -3.89 3.41 -25.87
N ASN A 68 -3.96 4.56 -26.56
CA ASN A 68 -3.54 5.82 -25.95
C ASN A 68 -4.47 6.21 -24.80
N GLU A 69 -5.77 6.00 -24.97
CA GLU A 69 -6.72 6.36 -23.92
C GLU A 69 -6.63 5.46 -22.70
N LEU A 70 -6.10 4.25 -22.85
CA LEU A 70 -6.04 3.31 -21.73
C LEU A 70 -4.63 3.14 -21.19
N ARG A 71 -3.69 3.98 -21.62
CA ARG A 71 -2.29 3.81 -21.25
C ARG A 71 -2.07 4.01 -19.75
N THR A 72 -2.89 4.82 -19.09
CA THR A 72 -2.70 5.14 -17.69
C THR A 72 -3.68 4.40 -16.76
N TYR A 73 -4.31 3.34 -17.25
CA TYR A 73 -5.49 2.73 -16.60
C TYR A 73 -5.04 1.53 -15.76
N ALA A 74 -5.05 1.70 -14.46
CA ALA A 74 -4.95 0.59 -13.51
C ALA A 74 -6.39 0.25 -13.12
N ARG A 75 -6.88 -0.87 -13.64
CA ARG A 75 -8.32 -1.15 -13.67
C ARG A 75 -8.94 -1.19 -12.27
N PHE A 76 -8.19 -1.69 -11.29
CA PHE A 76 -8.67 -1.79 -9.91
C PHE A 76 -7.95 -0.82 -8.97
N GLY A 77 -7.16 0.11 -9.51
CA GLY A 77 -6.28 0.91 -8.67
C GLY A 77 -5.33 -0.02 -7.96
N ALA A 78 -5.19 0.14 -6.64
CA ALA A 78 -4.40 -0.77 -5.83
C ALA A 78 -5.26 -1.84 -5.13
N LEU A 79 -6.55 -1.91 -5.44
CA LEU A 79 -7.44 -2.87 -4.83
C LEU A 79 -7.41 -4.20 -5.57
N CYS A 80 -7.82 -5.27 -4.87
CA CYS A 80 -8.09 -6.51 -5.56
C CYS A 80 -9.55 -6.55 -6.00
N PRO A 81 -9.92 -7.47 -6.91
CA PRO A 81 -11.26 -7.45 -7.53
C PRO A 81 -12.45 -7.40 -6.54
N ALA A 82 -12.48 -8.29 -5.53
CA ALA A 82 -13.58 -8.25 -4.58
C ALA A 82 -13.57 -6.98 -3.73
N GLU A 83 -12.37 -6.47 -3.39
CA GLU A 83 -12.30 -5.20 -2.68
C GLU A 83 -12.88 -4.07 -3.53
N PHE A 84 -12.58 -4.09 -4.82
CA PHE A 84 -13.08 -3.06 -5.75
C PHE A 84 -14.59 -3.12 -5.84
N LEU A 85 -15.16 -4.33 -5.92
CA LEU A 85 -16.61 -4.47 -5.98
C LEU A 85 -17.26 -4.07 -4.66
N ASP A 86 -16.63 -4.44 -3.54
CA ASP A 86 -17.19 -4.10 -2.24
C ASP A 86 -17.23 -2.59 -2.06
N LYS A 87 -16.21 -1.90 -2.58
CA LYS A 87 -16.18 -0.45 -2.45
C LYS A 87 -17.15 0.24 -3.40
N TRP A 88 -17.23 -0.18 -4.67
CA TRP A 88 -17.99 0.60 -5.66
C TRP A 88 -19.31 -0.03 -6.10
N ALA A 89 -19.67 -1.22 -5.61
CA ALA A 89 -20.93 -1.87 -5.99
C ALA A 89 -21.73 -2.28 -4.76
N THR A 90 -23.00 -2.63 -4.99
CA THR A 90 -23.88 -3.04 -3.89
C THR A 90 -23.57 -4.43 -3.36
N ASP A 91 -22.84 -5.25 -4.11
CA ASP A 91 -22.60 -6.63 -3.67
C ASP A 91 -21.46 -7.20 -4.49
N VAL A 92 -20.59 -7.97 -3.83
CA VAL A 92 -19.53 -8.67 -4.55
C VAL A 92 -20.11 -9.85 -5.32
N ALA A 93 -21.21 -10.42 -4.83
CA ALA A 93 -21.91 -11.48 -5.54
C ALA A 93 -22.44 -10.96 -6.88
N PRO A 94 -22.78 -11.87 -7.80
CA PRO A 94 -23.19 -11.46 -9.16
C PRO A 94 -24.38 -10.50 -9.19
N ASN A 95 -25.27 -10.50 -8.21
CA ASN A 95 -26.37 -9.53 -8.24
C ASN A 95 -25.96 -8.11 -7.84
N GLY A 96 -24.72 -7.88 -7.42
CA GLY A 96 -24.30 -6.51 -7.12
C GLY A 96 -24.22 -5.64 -8.37
N THR A 97 -24.56 -4.37 -8.20
CA THR A 97 -24.47 -3.41 -9.29
C THR A 97 -23.63 -2.22 -8.83
N TYR A 98 -23.00 -1.54 -9.80
CA TYR A 98 -22.17 -0.39 -9.49
C TYR A 98 -23.03 0.73 -8.93
N ILE A 99 -22.50 1.42 -7.94
CA ILE A 99 -23.12 2.61 -7.38
C ILE A 99 -22.47 3.83 -8.05
N TYR A 100 -23.29 4.75 -8.53
CA TYR A 100 -22.79 5.90 -9.27
C TYR A 100 -22.77 7.15 -8.39
N PRO A 101 -21.95 8.13 -8.74
CA PRO A 101 -21.84 9.34 -7.91
C PRO A 101 -23.09 10.19 -7.98
N PRO A 102 -23.28 11.10 -7.02
CA PRO A 102 -24.43 12.00 -7.07
C PRO A 102 -24.26 13.05 -8.16
N ALA A 103 -25.37 13.76 -8.40
CA ALA A 103 -25.42 14.93 -9.28
C ALA A 103 -24.85 14.61 -10.66
N ASN A 104 -25.18 13.42 -11.16
CA ASN A 104 -24.76 12.95 -12.47
C ASN A 104 -23.24 12.85 -12.62
N GLY A 105 -22.51 12.71 -11.52
CA GLY A 105 -21.06 12.59 -11.61
C GLY A 105 -20.29 13.88 -11.87
N PHE A 106 -20.96 15.03 -11.89
CA PHE A 106 -20.23 16.29 -12.03
C PHE A 106 -19.45 16.58 -10.75
N ALA A 107 -18.27 17.19 -10.92
CA ALA A 107 -17.47 17.59 -9.77
C ALA A 107 -18.24 18.58 -8.90
N LEU A 108 -18.07 18.49 -7.59
CA LEU A 108 -18.84 19.28 -6.66
C LEU A 108 -17.99 20.41 -6.10
N ASP A 109 -18.59 21.60 -6.00
CA ASP A 109 -17.92 22.77 -5.46
C ASP A 109 -17.90 22.70 -3.94
N THR A 110 -17.35 23.75 -3.31
CA THR A 110 -17.22 23.77 -1.85
C THR A 110 -18.57 23.80 -1.13
N GLU A 111 -19.67 24.11 -1.81
CA GLU A 111 -21.00 24.02 -1.23
C GLU A 111 -21.72 22.73 -1.59
N GLU A 112 -21.00 21.74 -2.12
CA GLU A 112 -21.54 20.43 -2.51
C GLU A 112 -22.50 20.50 -3.68
N GLN A 113 -22.41 21.56 -4.50
CA GLN A 113 -23.18 21.79 -5.71
C GLN A 113 -22.36 21.42 -6.94
N PRO A 114 -22.99 20.77 -7.93
CA PRO A 114 -22.25 20.37 -9.12
C PRO A 114 -21.78 21.57 -9.94
N ILE A 115 -20.60 21.45 -10.52
CA ILE A 115 -20.03 22.47 -11.38
C ILE A 115 -20.36 22.07 -12.82
N LEU A 116 -21.19 22.87 -13.48
CA LEU A 116 -21.55 22.68 -14.88
C LEU A 116 -22.27 23.93 -15.34
N GLY A 117 -22.55 23.96 -16.64
CA GLY A 117 -23.44 24.95 -17.20
C GLY A 117 -23.99 24.43 -18.51
N ASN A 118 -25.13 24.98 -18.92
CA ASN A 118 -25.63 24.71 -20.25
C ASN A 118 -24.71 25.37 -21.27
N ALA A 119 -24.22 24.61 -22.24
CA ALA A 119 -23.33 25.13 -23.24
C ALA A 119 -23.69 24.57 -24.61
N THR A 120 -23.42 25.37 -25.63
CA THR A 120 -23.65 25.00 -27.02
C THR A 120 -22.41 24.29 -27.57
N LEU A 121 -22.62 23.10 -28.14
CA LEU A 121 -21.50 22.43 -28.81
C LEU A 121 -21.46 22.86 -30.27
N PRO A 122 -20.32 23.29 -30.76
CA PRO A 122 -20.25 23.84 -32.13
C PRO A 122 -20.10 22.75 -33.17
N VAL A 123 -20.57 23.08 -34.38
CA VAL A 123 -20.42 22.20 -35.54
C VAL A 123 -18.95 21.93 -35.78
N GLY A 124 -18.61 20.65 -36.00
CA GLY A 124 -17.25 20.23 -36.17
C GLY A 124 -16.67 19.54 -34.94
N MET A 125 -17.21 19.81 -33.75
CA MET A 125 -16.66 19.24 -32.52
C MET A 125 -16.79 17.72 -32.52
N LYS A 126 -15.70 17.04 -32.16
CA LYS A 126 -15.67 15.58 -32.11
C LYS A 126 -15.82 15.11 -30.67
N LEU A 127 -16.70 14.13 -30.48
CA LEU A 127 -17.07 13.56 -29.18
C LEU A 127 -16.85 12.06 -29.22
N ASP A 128 -16.65 11.43 -28.04
CA ASP A 128 -16.66 9.97 -28.01
C ASP A 128 -17.36 9.45 -26.76
N ARG A 129 -17.54 8.14 -26.73
CA ARG A 129 -18.36 7.54 -25.69
C ARG A 129 -18.07 6.05 -25.61
N PHE A 130 -18.05 5.53 -24.37
CA PHE A 130 -18.06 4.09 -24.10
C PHE A 130 -19.48 3.77 -23.64
N GLY A 131 -20.28 3.16 -24.49
CA GLY A 131 -21.64 2.83 -24.13
C GLY A 131 -22.55 2.84 -25.34
N SER A 132 -23.76 2.33 -25.14
CA SER A 132 -24.74 2.22 -26.21
C SER A 132 -25.29 3.61 -26.57
N GLU A 133 -25.96 3.67 -27.72
CA GLU A 133 -26.47 4.95 -28.20
C GLU A 133 -27.78 5.36 -27.53
N TYR A 134 -28.27 4.58 -26.57
CA TYR A 134 -29.34 5.00 -25.69
C TYR A 134 -28.86 5.91 -24.56
N GLY A 135 -27.55 6.08 -24.40
CA GLY A 135 -27.02 6.88 -23.32
C GLY A 135 -27.01 8.38 -23.64
N THR A 136 -26.53 9.15 -22.67
CA THR A 136 -26.54 10.61 -22.77
C THR A 136 -25.24 11.25 -22.30
N PHE A 137 -24.19 10.47 -22.07
CA PHE A 137 -22.94 11.01 -21.53
C PHE A 137 -21.84 10.86 -22.57
N LEU A 138 -21.23 11.97 -22.97
CA LEU A 138 -20.10 11.90 -23.87
C LEU A 138 -18.92 12.69 -23.31
N ALA A 139 -17.77 12.52 -23.93
CA ALA A 139 -16.55 13.21 -23.58
C ALA A 139 -15.95 13.77 -24.84
N PRO A 140 -14.97 14.67 -24.74
CA PRO A 140 -14.26 15.11 -25.95
C PRO A 140 -13.44 13.94 -26.48
N LEU A 141 -13.32 13.89 -27.81
CA LEU A 141 -12.56 12.84 -28.48
C LEU A 141 -11.16 12.70 -27.86
N GLY A 142 -10.79 11.46 -27.56
CA GLY A 142 -9.45 11.19 -27.08
C GLY A 142 -9.21 11.32 -25.57
N ALA A 143 -10.23 11.66 -24.77
CA ALA A 143 -10.05 11.80 -23.31
C ALA A 143 -9.60 10.46 -22.71
N PRO A 144 -8.60 10.47 -21.81
CA PRO A 144 -8.15 9.22 -21.19
C PRO A 144 -9.29 8.55 -20.43
N TYR A 145 -9.26 7.21 -20.38
CA TYR A 145 -10.29 6.47 -19.66
C TYR A 145 -10.37 6.90 -18.21
N ILE A 146 -9.21 7.16 -17.58
CA ILE A 146 -9.23 7.51 -16.16
C ILE A 146 -9.82 8.90 -15.92
N GLU A 147 -9.90 9.74 -16.96
CA GLU A 147 -10.56 11.04 -16.83
C GLU A 147 -12.07 10.91 -16.82
N ARG A 148 -12.61 9.76 -17.23
CA ARG A 148 -14.06 9.62 -17.39
C ARG A 148 -14.80 9.07 -16.16
N SER A 149 -14.07 8.53 -15.17
CA SER A 149 -14.66 7.88 -14.00
C SER A 149 -15.72 6.86 -14.41
N LEU A 150 -15.29 5.94 -15.21
CA LEU A 150 -16.16 4.88 -15.70
C LEU A 150 -15.70 3.56 -15.10
N PRO A 151 -16.62 2.65 -14.80
CA PRO A 151 -16.20 1.34 -14.26
C PRO A 151 -15.61 0.48 -15.36
N PRO A 152 -14.99 -0.66 -15.02
CA PRO A 152 -14.38 -1.51 -16.06
C PRO A 152 -15.36 -2.02 -17.11
N SER A 153 -16.61 -2.23 -16.74
CA SER A 153 -17.56 -2.87 -17.64
C SER A 153 -18.00 -1.98 -18.79
N ASN A 154 -17.72 -0.66 -18.76
CA ASN A 154 -17.97 0.13 -19.97
C ASN A 154 -17.05 -0.25 -21.12
N LEU A 155 -15.97 -1.00 -20.86
CA LEU A 155 -15.11 -1.52 -21.91
C LEU A 155 -15.61 -2.81 -22.54
N ASN A 156 -16.73 -3.38 -22.07
CA ASN A 156 -17.19 -4.65 -22.63
C ASN A 156 -17.77 -4.44 -24.03
N THR A 157 -17.46 -5.37 -24.92
CA THR A 157 -17.99 -5.32 -26.28
C THR A 157 -19.41 -5.86 -26.31
N PHE A 158 -20.34 -5.07 -26.85
CA PHE A 158 -21.71 -5.50 -27.07
C PHE A 158 -22.02 -5.73 -28.54
N ASP A 159 -21.37 -4.98 -29.44
CA ASP A 159 -21.54 -5.13 -30.89
C ASP A 159 -20.17 -5.23 -31.53
N GLY A 160 -19.94 -6.34 -32.25
CA GLY A 160 -18.66 -6.55 -32.94
C GLY A 160 -18.24 -5.42 -33.87
N MET A 161 -19.21 -4.68 -34.43
CA MET A 161 -18.86 -3.49 -35.21
C MET A 161 -18.21 -2.40 -34.35
N TYR A 162 -18.42 -2.42 -33.03
CA TYR A 162 -17.89 -1.42 -32.12
C TYR A 162 -17.14 -2.08 -30.98
N PRO A 163 -15.91 -2.53 -31.24
CA PRO A 163 -15.08 -3.12 -30.19
C PRO A 163 -14.96 -2.18 -28.99
N TYR A 164 -15.08 -2.77 -27.80
CA TYR A 164 -15.02 -2.07 -26.53
C TYR A 164 -16.18 -1.09 -26.34
N ASN A 165 -17.23 -1.16 -27.17
CA ASN A 165 -18.37 -0.26 -27.11
C ASN A 165 -17.96 1.20 -27.29
N TYR A 166 -16.89 1.42 -28.05
CA TYR A 166 -16.32 2.75 -28.25
C TYR A 166 -16.90 3.37 -29.51
N HIS A 167 -17.49 4.56 -29.37
CA HIS A 167 -18.15 5.26 -30.46
C HIS A 167 -17.60 6.68 -30.55
N VAL A 168 -17.47 7.18 -31.77
CA VAL A 168 -16.96 8.52 -32.06
C VAL A 168 -17.98 9.24 -32.94
N TYR A 169 -18.26 10.50 -32.59
CA TYR A 169 -19.25 11.31 -33.28
C TYR A 169 -18.67 12.68 -33.58
N GLN A 170 -19.26 13.37 -34.56
CA GLN A 170 -18.93 14.76 -34.86
C GLN A 170 -20.22 15.58 -34.87
N VAL A 171 -20.18 16.75 -34.22
CA VAL A 171 -21.34 17.64 -34.22
C VAL A 171 -21.56 18.21 -35.61
N THR A 172 -22.78 18.02 -36.12
CA THR A 172 -23.21 18.50 -37.42
C THR A 172 -24.19 19.66 -37.34
N LYS A 173 -24.82 19.87 -36.19
CA LYS A 173 -25.69 21.02 -35.97
C LYS A 173 -25.62 21.36 -34.49
N GLU A 174 -25.56 22.66 -34.19
CA GLU A 174 -25.38 23.12 -32.81
C GLU A 174 -26.54 22.68 -31.92
N PHE A 175 -26.18 22.26 -30.69
CA PHE A 175 -27.19 21.92 -29.70
C PHE A 175 -26.58 22.08 -28.31
N VAL A 176 -27.45 22.21 -27.32
CA VAL A 176 -27.06 22.55 -25.96
C VAL A 176 -26.97 21.28 -25.11
N VAL A 177 -25.91 21.21 -24.30
CA VAL A 177 -25.66 20.10 -23.39
C VAL A 177 -25.31 20.65 -22.02
N GLY A 178 -25.41 19.80 -21.01
CA GLY A 178 -24.86 20.14 -19.71
C GLY A 178 -23.39 19.84 -19.73
N LEU A 179 -22.55 20.83 -19.44
CA LEU A 179 -21.11 20.69 -19.64
C LEU A 179 -20.39 20.95 -18.34
N GLY A 180 -19.53 20.02 -17.95
CA GLY A 180 -18.81 20.21 -16.70
C GLY A 180 -17.81 19.13 -16.34
N PRO A 181 -17.01 19.39 -15.30
CA PRO A 181 -15.95 18.46 -14.93
C PRO A 181 -16.50 17.19 -14.29
N ILE A 182 -15.69 16.14 -14.39
CA ILE A 182 -16.05 14.79 -13.99
C ILE A 182 -15.47 14.53 -12.61
N ALA A 183 -16.33 14.21 -11.64
CA ALA A 183 -15.85 13.89 -10.31
C ALA A 183 -15.09 12.56 -10.32
N PRO A 184 -14.11 12.40 -9.43
CA PRO A 184 -13.45 11.10 -9.30
C PRO A 184 -14.43 10.03 -8.82
N TRP A 185 -14.28 8.81 -9.32
CA TRP A 185 -15.11 7.68 -8.93
C TRP A 185 -14.46 6.43 -9.51
N PHE A 186 -14.88 5.27 -8.98
CA PHE A 186 -14.44 3.93 -9.45
C PHE A 186 -12.93 3.76 -9.39
N GLU A 187 -12.32 4.34 -8.34
CA GLU A 187 -10.88 4.31 -8.07
C GLU A 187 -10.05 5.07 -9.10
N GLN A 188 -10.62 6.03 -9.83
CA GLN A 188 -9.90 6.84 -10.81
C GLN A 188 -10.02 8.32 -10.49
N PRO A 189 -9.10 9.17 -10.98
CA PRO A 189 -9.16 10.60 -10.62
C PRO A 189 -10.24 11.40 -11.33
N GLY A 190 -10.80 10.92 -12.43
CA GLY A 190 -11.80 11.74 -13.10
C GLY A 190 -11.16 12.97 -13.73
N MET A 191 -11.89 14.10 -13.68
CA MET A 191 -11.42 15.44 -14.05
C MET A 191 -11.23 15.60 -15.55
N GLY A 192 -11.81 14.73 -16.35
CA GLY A 192 -12.14 15.13 -17.70
C GLY A 192 -13.36 16.03 -17.68
N THR A 193 -13.84 16.34 -18.88
CA THR A 193 -15.10 17.04 -19.05
C THR A 193 -16.12 16.07 -19.60
N GLN A 194 -17.33 16.15 -19.09
CA GLN A 194 -18.42 15.38 -19.66
C GLN A 194 -19.51 16.33 -20.16
N PHE A 195 -20.19 15.84 -21.20
CA PHE A 195 -21.34 16.46 -21.84
C PHE A 195 -22.54 15.55 -21.60
N VAL A 196 -23.54 16.06 -20.90
CA VAL A 196 -24.76 15.33 -20.62
C VAL A 196 -25.83 15.90 -21.54
N THR A 197 -26.28 15.08 -22.47
CA THR A 197 -27.25 15.55 -23.45
C THR A 197 -28.66 15.40 -22.94
N TYR A 198 -29.56 16.17 -23.51
CA TYR A 198 -30.98 16.11 -23.21
C TYR A 198 -31.76 15.21 -24.16
N THR A 199 -31.12 14.70 -25.20
CA THR A 199 -31.65 13.67 -26.08
C THR A 199 -30.60 12.58 -26.14
N ASN A 200 -31.02 11.32 -26.21
CA ASN A 200 -30.01 10.27 -26.34
C ASN A 200 -29.29 10.38 -27.70
N VAL A 201 -28.18 9.66 -27.81
CA VAL A 201 -27.32 9.72 -28.99
C VAL A 201 -28.09 9.35 -30.25
N LEU A 202 -28.98 8.35 -30.14
CA LEU A 202 -29.83 7.96 -31.27
C LEU A 202 -30.70 9.12 -31.76
N GLY A 203 -31.29 9.86 -30.82
CA GLY A 203 -32.12 10.98 -31.22
C GLY A 203 -31.31 12.08 -31.87
N LEU A 204 -30.12 12.36 -31.34
CA LEU A 204 -29.26 13.40 -31.90
C LEU A 204 -28.80 13.03 -33.31
N ILE A 205 -28.54 11.74 -33.54
CA ILE A 205 -28.19 11.30 -34.89
C ILE A 205 -29.39 11.45 -35.82
N ASP A 206 -30.58 11.03 -35.38
CA ASP A 206 -31.74 11.05 -36.27
C ASP A 206 -32.16 12.45 -36.66
N ASP A 207 -32.01 13.42 -35.76
CA ASP A 207 -32.38 14.80 -36.03
C ASP A 207 -31.23 15.63 -36.59
N GLY A 208 -30.12 14.98 -36.97
CA GLY A 208 -29.06 15.67 -37.68
C GLY A 208 -28.12 16.48 -36.81
N TYR A 209 -28.06 16.20 -35.51
CA TYR A 209 -27.14 16.90 -34.62
C TYR A 209 -25.77 16.24 -34.56
N LEU A 210 -25.70 14.92 -34.68
CA LEU A 210 -24.45 14.19 -34.66
C LEU A 210 -24.36 13.29 -35.88
N ARG A 211 -23.14 13.06 -36.32
CA ARG A 211 -22.88 11.98 -37.28
C ARG A 211 -21.85 11.03 -36.68
N ARG A 212 -21.94 9.77 -37.06
CA ARG A 212 -20.96 8.78 -36.63
C ARG A 212 -19.70 8.90 -37.47
N LEU A 213 -18.55 8.87 -36.82
CA LEU A 213 -17.27 8.81 -37.52
C LEU A 213 -16.79 7.38 -37.56
N ASP A 214 -16.32 6.94 -38.73
CA ASP A 214 -15.65 5.64 -38.74
C ASP A 214 -14.16 5.82 -38.41
N GLU A 215 -13.49 4.67 -38.18
CA GLU A 215 -12.15 4.65 -37.60
C GLU A 215 -11.16 5.47 -38.43
N SER A 216 -11.30 5.41 -39.76
CA SER A 216 -10.43 6.18 -40.64
C SER A 216 -10.59 7.69 -40.46
N GLU A 217 -11.70 8.15 -39.88
CA GLU A 217 -11.89 9.57 -39.61
C GLU A 217 -11.33 10.01 -38.26
N TYR A 218 -10.72 9.10 -37.49
CA TYR A 218 -10.02 9.55 -36.29
C TYR A 218 -8.72 8.78 -36.12
N ALA A 219 -8.07 8.46 -37.24
CA ALA A 219 -6.81 7.75 -37.19
C ALA A 219 -5.59 8.67 -37.22
N ALA A 220 -5.72 9.89 -37.76
CA ALA A 220 -4.61 10.81 -37.91
C ALA A 220 -4.66 11.93 -36.87
N LYS A 221 -3.45 12.34 -36.42
CA LYS A 221 -3.31 13.35 -35.37
C LYS A 221 -4.08 14.62 -35.69
N VAL A 222 -4.02 15.07 -36.96
CA VAL A 222 -4.69 16.30 -37.39
C VAL A 222 -6.20 16.20 -37.16
N GLU A 223 -6.78 15.00 -37.23
CA GLU A 223 -8.20 14.84 -36.96
C GLU A 223 -8.59 15.09 -35.50
N TYR A 224 -7.62 15.28 -34.60
CA TYR A 224 -7.87 15.59 -33.19
C TYR A 224 -7.73 17.08 -32.90
N SER A 225 -7.27 17.86 -33.86
CA SER A 225 -7.15 19.30 -33.69
C SER A 225 -8.48 19.97 -34.02
N ASN A 226 -8.53 21.30 -33.90
CA ASN A 226 -9.77 22.08 -33.88
C ASN A 226 -9.79 23.14 -34.96
N PRO A 227 -10.39 22.88 -36.13
CA PRO A 227 -10.53 23.91 -37.16
C PRO A 227 -11.78 24.79 -37.01
N TYR A 228 -12.68 24.52 -36.06
CA TYR A 228 -13.98 25.19 -36.04
C TYR A 228 -14.04 26.40 -35.12
N THR A 229 -13.28 26.43 -34.05
CA THR A 229 -13.29 27.62 -33.20
C THR A 229 -12.59 28.78 -33.90
N PRO A 230 -13.23 29.93 -34.07
CA PRO A 230 -12.55 31.05 -34.73
C PRO A 230 -11.58 31.74 -33.78
N GLY A 231 -10.67 32.53 -34.37
CA GLY A 231 -9.67 33.24 -33.63
C GLY A 231 -10.16 34.58 -33.15
N PRO A 232 -9.41 35.19 -32.23
CA PRO A 232 -9.82 36.47 -31.64
C PRO A 232 -9.65 37.62 -32.62
N ASN A 233 -9.95 38.82 -32.11
CA ASN A 233 -9.59 40.15 -32.61
C ASN A 233 -10.66 41.18 -32.21
N GLU B 25 -0.61 9.50 -42.71
CA GLU B 25 0.73 9.77 -42.19
C GLU B 25 0.77 11.06 -41.38
N ASP B 26 1.26 10.96 -40.15
CA ASP B 26 1.43 12.13 -39.28
C ASP B 26 2.78 12.78 -39.55
N SER B 27 2.84 14.09 -39.34
CA SER B 27 4.04 14.85 -39.66
C SER B 27 3.96 16.21 -39.00
N LEU B 28 5.08 16.93 -39.05
CA LEU B 28 5.22 18.20 -38.34
C LEU B 28 4.30 19.27 -38.93
N PHE B 29 4.37 19.49 -40.26
CA PHE B 29 3.52 20.43 -41.00
C PHE B 29 2.50 19.67 -41.82
N PRO B 30 1.32 20.25 -42.06
CA PRO B 30 0.40 19.66 -43.05
C PRO B 30 1.05 19.64 -44.43
N ALA B 31 0.57 18.70 -45.27
CA ALA B 31 1.17 18.46 -46.58
C ALA B 31 1.07 19.69 -47.46
N ARG B 32 -0.03 20.45 -47.36
CA ARG B 32 -0.25 21.60 -48.22
C ARG B 32 0.76 22.72 -47.98
N CYS B 33 1.44 22.73 -46.83
CA CYS B 33 2.38 23.79 -46.50
C CYS B 33 3.71 23.72 -47.26
N TRP B 34 4.02 22.57 -47.90
CA TRP B 34 5.25 22.47 -48.67
C TRP B 34 5.08 23.12 -50.04
N PRO B 35 6.18 23.49 -50.71
CA PRO B 35 7.58 23.20 -50.32
C PRO B 35 8.23 24.23 -49.39
N ASP B 36 7.47 25.23 -48.93
CA ASP B 36 8.02 26.28 -48.06
C ASP B 36 7.13 26.46 -46.85
N PRO B 37 7.15 25.51 -45.91
CA PRO B 37 6.25 25.59 -44.75
C PRO B 37 6.56 26.76 -43.82
N CYS B 38 7.79 27.23 -43.78
CA CYS B 38 8.16 28.34 -42.91
C CYS B 38 8.09 29.71 -43.60
N ALA B 39 7.35 29.79 -44.70
CA ALA B 39 7.15 31.03 -45.43
C ALA B 39 6.61 32.09 -44.48
N GLY B 40 7.26 33.26 -44.48
CA GLY B 40 6.85 34.34 -43.63
C GLY B 40 7.34 34.30 -42.19
N ILE B 41 8.01 33.24 -41.75
CA ILE B 41 8.49 33.13 -40.38
C ILE B 41 9.97 33.48 -40.37
N THR B 42 10.37 34.40 -39.52
CA THR B 42 11.79 34.72 -39.44
C THR B 42 12.48 33.70 -38.55
N PHE B 43 13.51 33.07 -39.09
CA PHE B 43 14.24 32.02 -38.40
C PHE B 43 15.13 32.66 -37.35
N GLN B 44 14.94 32.29 -36.09
CA GLN B 44 15.77 32.80 -35.01
C GLN B 44 16.69 31.76 -34.39
N ASN B 45 16.18 30.54 -34.18
CA ASN B 45 16.85 29.59 -33.28
C ASN B 45 16.40 28.19 -33.65
N ASP B 46 17.36 27.34 -34.01
CA ASP B 46 17.06 26.04 -34.60
C ASP B 46 16.56 25.02 -33.60
N THR B 47 16.51 25.35 -32.31
CA THR B 47 15.82 24.51 -31.34
C THR B 47 14.31 24.46 -31.60
N TYR B 48 13.76 25.46 -32.27
CA TYR B 48 12.31 25.61 -32.41
C TYR B 48 11.88 25.44 -33.87
N VAL B 49 10.63 25.01 -34.05
CA VAL B 49 10.09 24.75 -35.38
C VAL B 49 10.12 26.04 -36.18
N CYS B 50 10.68 25.96 -37.38
CA CYS B 50 10.92 27.12 -38.25
C CYS B 50 11.84 28.16 -37.60
N GLY B 51 12.61 27.79 -36.55
CA GLY B 51 13.45 28.73 -35.83
C GLY B 51 12.71 29.72 -34.95
N ASP B 52 11.40 29.53 -34.76
CA ASP B 52 10.55 30.47 -34.02
C ASP B 52 10.16 29.86 -32.69
N PRO B 53 10.55 30.44 -31.54
CA PRO B 53 10.23 29.83 -30.25
C PRO B 53 8.73 29.77 -30.00
N ARG B 54 7.94 30.67 -30.60
CA ARG B 54 6.48 30.60 -30.49
C ARG B 54 5.89 29.30 -31.03
N LEU B 55 6.59 28.63 -31.94
CA LEU B 55 6.07 27.40 -32.57
C LEU B 55 6.54 26.13 -31.88
N GLY B 56 7.18 26.23 -30.71
CA GLY B 56 7.53 25.06 -29.94
C GLY B 56 8.79 24.36 -30.41
N PRO B 57 9.23 23.36 -29.64
CA PRO B 57 10.49 22.68 -29.94
C PRO B 57 10.39 21.71 -31.11
N VAL B 58 11.52 21.57 -31.82
CA VAL B 58 11.60 20.59 -32.90
C VAL B 58 11.53 19.17 -32.35
N VAL B 59 12.26 18.90 -31.28
CA VAL B 59 12.36 17.57 -30.71
C VAL B 59 11.27 17.41 -29.66
N LEU B 60 10.35 16.50 -29.91
CA LEU B 60 9.29 16.24 -28.95
C LEU B 60 9.67 15.12 -28.00
N PRO B 61 8.99 15.03 -26.85
CA PRO B 61 9.34 14.01 -25.85
C PRO B 61 9.14 12.60 -26.39
N GLN B 62 10.04 11.71 -25.98
CA GLN B 62 9.99 10.32 -26.39
C GLN B 62 9.69 9.39 -25.21
N LYS B 63 9.57 9.92 -24.00
CA LYS B 63 9.35 9.12 -22.80
C LYS B 63 7.92 9.27 -22.28
N PHE B 64 7.44 8.23 -21.61
CA PHE B 64 6.17 8.30 -20.89
C PHE B 64 6.33 9.21 -19.67
N PRO B 65 5.33 10.05 -19.35
CA PRO B 65 4.01 10.13 -20.00
C PRO B 65 3.86 11.26 -21.02
N LEU B 66 4.91 12.06 -21.24
CA LEU B 66 4.76 13.18 -22.18
C LEU B 66 4.41 12.68 -23.57
N ASN B 67 5.00 11.55 -23.98
CA ASN B 67 4.68 10.99 -25.28
C ASN B 67 3.22 10.57 -25.36
N ASN B 68 2.67 9.99 -24.28
CA ASN B 68 1.24 9.66 -24.26
C ASN B 68 0.39 10.93 -24.35
N GLU B 69 0.79 11.99 -23.64
CA GLU B 69 0.04 13.24 -23.62
C GLU B 69 0.12 14.02 -24.93
N LEU B 70 1.11 13.74 -25.77
CA LEU B 70 1.26 14.43 -27.05
C LEU B 70 0.88 13.57 -28.24
N ARG B 71 0.34 12.37 -28.02
CA ARG B 71 0.08 11.42 -29.11
C ARG B 71 -0.99 11.94 -30.06
N THR B 72 -1.90 12.80 -29.59
CA THR B 72 -2.96 13.35 -30.43
C THR B 72 -2.70 14.80 -30.83
N TYR B 73 -1.46 15.27 -30.73
CA TYR B 73 -1.15 16.69 -30.91
C TYR B 73 -0.71 16.98 -32.35
N ALA B 74 -1.55 17.68 -33.10
CA ALA B 74 -1.19 18.29 -34.38
C ALA B 74 -0.93 19.76 -34.08
N ARG B 75 0.34 20.15 -34.10
CA ARG B 75 0.81 21.39 -33.51
C ARG B 75 0.15 22.61 -34.14
N PHE B 76 -0.09 22.57 -35.45
CA PHE B 76 -0.68 23.67 -36.20
C PHE B 76 -2.11 23.40 -36.65
N GLY B 77 -2.74 22.34 -36.15
CA GLY B 77 -3.96 21.84 -36.74
C GLY B 77 -3.72 21.53 -38.19
N ALA B 78 -4.62 21.98 -39.04
CA ALA B 78 -4.46 21.88 -40.48
C ALA B 78 -3.86 23.14 -41.09
N LEU B 79 -3.44 24.11 -40.28
CA LEU B 79 -2.91 25.39 -40.75
C LEU B 79 -1.40 25.29 -40.99
N CYS B 80 -0.91 26.18 -41.85
CA CYS B 80 0.53 26.37 -41.94
C CYS B 80 0.99 27.33 -40.84
N PRO B 81 2.30 27.37 -40.54
CA PRO B 81 2.80 28.18 -39.42
C PRO B 81 2.38 29.64 -39.45
N ALA B 82 2.56 30.31 -40.60
CA ALA B 82 2.20 31.72 -40.70
C ALA B 82 0.70 31.92 -40.51
N GLU B 83 -0.12 31.02 -41.09
CA GLU B 83 -1.57 31.08 -40.86
C GLU B 83 -1.91 30.89 -39.37
N PHE B 84 -1.19 30.00 -38.71
CA PHE B 84 -1.41 29.74 -37.29
C PHE B 84 -1.13 31.00 -36.46
N LEU B 85 0.02 31.64 -36.72
CA LEU B 85 0.36 32.84 -35.97
C LEU B 85 -0.59 33.99 -36.30
N ASP B 86 -0.99 34.09 -37.57
CA ASP B 86 -1.94 35.13 -37.99
C ASP B 86 -3.27 34.98 -37.25
N LYS B 87 -3.72 33.74 -37.05
CA LYS B 87 -4.97 33.52 -36.35
C LYS B 87 -4.84 33.72 -34.84
N TRP B 88 -3.79 33.21 -34.19
CA TRP B 88 -3.77 33.17 -32.73
C TRP B 88 -2.85 34.20 -32.08
N ALA B 89 -2.11 34.98 -32.85
CA ALA B 89 -1.18 35.96 -32.29
C ALA B 89 -1.37 37.31 -32.97
N THR B 90 -0.79 38.36 -32.37
CA THR B 90 -0.99 39.72 -32.88
C THR B 90 -0.26 39.97 -34.19
N ASP B 91 0.78 39.20 -34.49
CA ASP B 91 1.58 39.43 -35.68
C ASP B 91 2.31 38.14 -36.03
N VAL B 92 2.43 37.87 -37.33
CA VAL B 92 3.27 36.78 -37.80
C VAL B 92 4.76 37.12 -37.63
N ALA B 93 5.12 38.41 -37.70
CA ALA B 93 6.47 38.87 -37.40
C ALA B 93 6.88 38.48 -35.98
N PRO B 94 8.18 38.50 -35.68
CA PRO B 94 8.65 38.02 -34.38
C PRO B 94 8.20 38.87 -33.20
N ASN B 95 7.72 40.09 -33.42
CA ASN B 95 7.15 40.86 -32.32
C ASN B 95 5.73 40.46 -31.98
N GLY B 96 5.12 39.53 -32.72
CA GLY B 96 3.77 39.10 -32.42
C GLY B 96 3.74 38.22 -31.18
N THR B 97 2.72 38.45 -30.33
CA THR B 97 2.51 37.67 -29.12
C THR B 97 1.18 36.93 -29.22
N TYR B 98 1.11 35.76 -28.57
CA TYR B 98 -0.12 34.97 -28.61
C TYR B 98 -1.26 35.71 -27.89
N ILE B 99 -2.46 35.62 -28.45
CA ILE B 99 -3.67 36.19 -27.87
C ILE B 99 -4.38 35.07 -27.10
N TYR B 100 -4.83 35.36 -25.91
CA TYR B 100 -5.40 34.29 -25.10
C TYR B 100 -6.90 34.45 -24.91
N PRO B 101 -7.60 33.37 -24.55
CA PRO B 101 -9.07 33.41 -24.51
C PRO B 101 -9.57 34.28 -23.37
N PRO B 102 -10.79 34.78 -23.46
CA PRO B 102 -11.35 35.56 -22.35
C PRO B 102 -11.67 34.64 -21.18
N ALA B 103 -11.92 35.27 -20.02
CA ALA B 103 -12.39 34.59 -18.82
C ALA B 103 -11.44 33.51 -18.34
N ASN B 104 -10.13 33.75 -18.48
CA ASN B 104 -9.10 32.82 -18.02
C ASN B 104 -9.16 31.45 -18.72
N GLY B 105 -9.74 31.40 -19.92
CA GLY B 105 -9.79 30.18 -20.70
C GLY B 105 -10.83 29.15 -20.26
N PHE B 106 -11.71 29.49 -19.32
CA PHE B 106 -12.81 28.60 -18.99
C PHE B 106 -13.80 28.55 -20.14
N ALA B 107 -14.33 27.35 -20.40
CA ALA B 107 -15.45 27.16 -21.31
C ALA B 107 -16.63 28.05 -20.87
N LEU B 108 -17.27 28.69 -21.84
CA LEU B 108 -18.36 29.62 -21.58
C LEU B 108 -19.70 28.93 -21.80
N ASP B 109 -20.70 29.26 -20.98
CA ASP B 109 -22.02 28.68 -21.10
C ASP B 109 -22.80 29.42 -22.18
N THR B 110 -24.10 29.15 -22.30
CA THR B 110 -24.89 29.79 -23.37
C THR B 110 -25.13 31.28 -23.13
N GLU B 111 -24.85 31.79 -21.94
CA GLU B 111 -24.92 33.22 -21.66
C GLU B 111 -23.55 33.87 -21.63
N GLU B 112 -22.54 33.19 -22.20
CA GLU B 112 -21.16 33.67 -22.30
C GLU B 112 -20.47 33.79 -20.94
N GLN B 113 -20.98 33.11 -19.91
CA GLN B 113 -20.33 33.15 -18.60
C GLN B 113 -19.45 31.91 -18.42
N PRO B 114 -18.29 32.05 -17.76
CA PRO B 114 -17.40 30.91 -17.58
C PRO B 114 -18.02 29.86 -16.67
N ILE B 115 -17.78 28.61 -17.00
CA ILE B 115 -18.23 27.46 -16.21
C ILE B 115 -17.11 27.09 -15.26
N LEU B 116 -17.36 27.20 -13.96
CA LEU B 116 -16.36 26.90 -12.95
C LEU B 116 -17.00 27.06 -11.58
N GLY B 117 -16.30 26.54 -10.57
CA GLY B 117 -16.69 26.78 -9.20
C GLY B 117 -15.47 26.63 -8.30
N ASN B 118 -15.62 27.07 -7.07
CA ASN B 118 -14.58 26.80 -6.07
C ASN B 118 -14.71 25.37 -5.58
N ALA B 119 -13.60 24.64 -5.62
CA ALA B 119 -13.61 23.25 -5.18
C ALA B 119 -12.37 22.97 -4.34
N THR B 120 -12.53 22.02 -3.41
CA THR B 120 -11.45 21.60 -2.52
C THR B 120 -10.71 20.44 -3.17
N LEU B 121 -9.42 20.61 -3.43
CA LEU B 121 -8.64 19.49 -3.92
C LEU B 121 -8.24 18.59 -2.75
N PRO B 122 -8.42 17.28 -2.86
CA PRO B 122 -8.11 16.38 -1.73
C PRO B 122 -6.64 15.96 -1.69
N VAL B 123 -6.17 15.70 -0.47
CA VAL B 123 -4.85 15.12 -0.23
C VAL B 123 -4.69 13.86 -1.05
N GLY B 124 -3.57 13.75 -1.77
CA GLY B 124 -3.29 12.63 -2.63
C GLY B 124 -3.52 12.90 -4.11
N MET B 125 -4.29 13.91 -4.46
CA MET B 125 -4.53 14.23 -5.87
C MET B 125 -3.24 14.68 -6.55
N LYS B 126 -3.00 14.15 -7.75
N LYS B 126 -3.00 14.15 -7.75
CA LYS B 126 -1.81 14.52 -8.51
CA LYS B 126 -1.81 14.52 -8.51
C LYS B 126 -2.19 15.50 -9.60
C LYS B 126 -2.19 15.50 -9.61
N LEU B 127 -1.36 16.53 -9.77
CA LEU B 127 -1.59 17.62 -10.71
C LEU B 127 -0.35 17.80 -11.55
N ASP B 128 -0.51 18.38 -12.75
CA ASP B 128 0.69 18.72 -13.51
C ASP B 128 0.49 20.06 -14.19
N ARG B 129 1.55 20.53 -14.84
CA ARG B 129 1.55 21.88 -15.34
C ARG B 129 2.73 22.07 -16.29
N PHE B 130 2.51 22.86 -17.37
CA PHE B 130 3.58 23.34 -18.25
C PHE B 130 3.80 24.81 -17.92
N GLY B 131 4.87 25.14 -17.22
CA GLY B 131 5.13 26.52 -16.86
C GLY B 131 5.95 26.60 -15.59
N SER B 132 6.36 27.82 -15.28
CA SER B 132 7.18 28.07 -14.11
C SER B 132 6.32 28.06 -12.86
N GLU B 133 6.98 27.97 -11.71
CA GLU B 133 6.20 27.85 -10.48
C GLU B 133 5.70 29.20 -9.96
N TYR B 134 5.95 30.28 -10.70
CA TYR B 134 5.19 31.52 -10.49
C TYR B 134 3.78 31.46 -11.06
N GLY B 135 3.44 30.40 -11.78
CA GLY B 135 2.10 30.29 -12.36
C GLY B 135 1.04 29.80 -11.37
N THR B 136 -0.20 29.81 -11.85
CA THR B 136 -1.35 29.43 -11.05
C THR B 136 -2.28 28.45 -11.77
N PHE B 137 -1.91 27.95 -12.95
CA PHE B 137 -2.79 27.11 -13.74
C PHE B 137 -2.25 25.69 -13.78
N LEU B 138 -3.11 24.73 -13.44
CA LEU B 138 -2.71 23.33 -13.40
C LEU B 138 -3.81 22.49 -14.02
N ALA B 139 -3.50 21.21 -14.23
CA ALA B 139 -4.48 20.27 -14.78
C ALA B 139 -4.30 18.94 -14.08
N PRO B 140 -5.28 18.03 -14.18
CA PRO B 140 -5.08 16.68 -13.63
C PRO B 140 -3.93 15.99 -14.35
N LEU B 141 -3.12 15.29 -13.55
CA LEU B 141 -1.94 14.58 -14.05
C LEU B 141 -2.31 13.73 -15.27
N GLY B 142 -1.55 13.93 -16.35
CA GLY B 142 -1.72 13.13 -17.56
C GLY B 142 -2.75 13.62 -18.57
N ALA B 143 -3.42 14.77 -18.33
CA ALA B 143 -4.34 15.34 -19.32
C ALA B 143 -3.61 15.53 -20.67
N PRO B 144 -4.23 15.14 -21.79
CA PRO B 144 -3.60 15.31 -23.10
C PRO B 144 -3.35 16.78 -23.36
N TYR B 145 -2.26 17.05 -24.09
CA TYR B 145 -1.87 18.43 -24.34
C TYR B 145 -2.97 19.21 -25.08
N ILE B 146 -3.70 18.53 -25.97
CA ILE B 146 -4.76 19.22 -26.72
C ILE B 146 -5.96 19.57 -25.85
N GLU B 147 -6.11 18.94 -24.68
CA GLU B 147 -7.17 19.30 -23.74
C GLU B 147 -6.84 20.56 -22.96
N ARG B 148 -5.58 21.01 -23.02
CA ARG B 148 -5.14 22.14 -22.20
C ARG B 148 -5.26 23.50 -22.89
N SER B 149 -5.49 23.49 -24.21
CA SER B 149 -5.57 24.71 -25.03
C SER B 149 -4.36 25.62 -24.78
N LEU B 150 -3.17 25.02 -24.87
CA LEU B 150 -1.91 25.73 -24.69
C LEU B 150 -1.23 25.91 -26.04
N PRO B 151 -0.53 27.03 -26.26
CA PRO B 151 0.21 27.22 -27.52
C PRO B 151 1.42 26.31 -27.57
N PRO B 152 2.07 26.16 -28.73
CA PRO B 152 3.26 25.27 -28.82
C PRO B 152 4.41 25.70 -27.89
N SER B 153 4.54 26.99 -27.61
CA SER B 153 5.67 27.46 -26.82
C SER B 153 5.61 27.04 -25.35
N ASN B 154 4.49 26.51 -24.86
CA ASN B 154 4.52 25.96 -23.51
C ASN B 154 5.33 24.66 -23.41
N LEU B 155 5.66 24.04 -24.54
CA LEU B 155 6.56 22.90 -24.58
C LEU B 155 8.04 23.28 -24.56
N ASN B 156 8.38 24.57 -24.57
CA ASN B 156 9.77 24.98 -24.67
C ASN B 156 10.45 24.75 -23.34
N THR B 157 11.63 24.14 -23.36
CA THR B 157 12.38 23.88 -22.14
C THR B 157 13.02 25.20 -21.68
N PHE B 158 12.76 25.60 -20.44
CA PHE B 158 13.38 26.80 -19.88
C PHE B 158 14.42 26.47 -18.82
N ASP B 159 14.22 25.41 -18.06
CA ASP B 159 15.20 24.89 -17.12
C ASP B 159 15.49 23.44 -17.51
N GLY B 160 16.75 23.15 -17.81
CA GLY B 160 17.19 21.80 -18.17
C GLY B 160 16.84 20.72 -17.16
N MET B 161 16.65 21.09 -15.88
CA MET B 161 16.14 20.14 -14.89
C MET B 161 14.67 19.79 -15.10
N TYR B 162 13.93 20.53 -15.92
CA TYR B 162 12.52 20.26 -16.20
C TYR B 162 12.31 20.32 -17.71
N PRO B 163 12.67 19.26 -18.43
CA PRO B 163 12.49 19.24 -19.88
C PRO B 163 11.03 19.46 -20.24
N TYR B 164 10.83 20.30 -21.26
CA TYR B 164 9.51 20.62 -21.80
C TYR B 164 8.67 21.42 -20.82
N ASN B 165 9.28 22.03 -19.79
CA ASN B 165 8.58 22.95 -18.89
C ASN B 165 7.51 22.22 -18.05
N TYR B 166 7.65 20.90 -17.90
CA TYR B 166 6.64 20.00 -17.35
C TYR B 166 6.93 19.69 -15.89
N HIS B 167 5.93 19.92 -15.01
CA HIS B 167 6.05 19.73 -13.57
C HIS B 167 4.86 18.91 -13.07
N VAL B 168 5.11 17.97 -12.15
CA VAL B 168 4.06 17.19 -11.52
C VAL B 168 4.13 17.41 -10.00
N TYR B 169 2.96 17.49 -9.37
CA TYR B 169 2.79 17.79 -7.95
C TYR B 169 1.75 16.84 -7.37
N GLN B 170 1.78 16.71 -6.04
CA GLN B 170 0.76 15.96 -5.32
C GLN B 170 0.26 16.83 -4.18
N VAL B 171 -1.06 16.87 -4.01
CA VAL B 171 -1.68 17.66 -2.95
C VAL B 171 -1.32 17.01 -1.62
N THR B 172 -0.69 17.78 -0.73
CA THR B 172 -0.32 17.29 0.58
C THR B 172 -1.21 17.84 1.69
N LYS B 173 -1.98 18.89 1.41
CA LYS B 173 -2.93 19.45 2.34
C LYS B 173 -4.06 20.05 1.51
N GLU B 174 -5.29 19.90 1.99
CA GLU B 174 -6.47 20.35 1.24
C GLU B 174 -6.44 21.85 1.02
N PHE B 175 -6.85 22.28 -0.17
CA PHE B 175 -6.99 23.71 -0.42
C PHE B 175 -7.96 23.92 -1.57
N VAL B 176 -8.50 25.13 -1.63
CA VAL B 176 -9.58 25.49 -2.55
C VAL B 176 -8.98 26.15 -3.78
N VAL B 177 -9.44 25.72 -4.96
CA VAL B 177 -9.03 26.31 -6.23
C VAL B 177 -10.28 26.63 -7.04
N GLY B 178 -10.09 27.42 -8.10
CA GLY B 178 -11.12 27.55 -9.10
C GLY B 178 -10.99 26.38 -10.05
N LEU B 179 -12.11 25.74 -10.37
CA LEU B 179 -12.07 24.47 -11.09
C LEU B 179 -13.12 24.53 -12.19
N GLY B 180 -12.70 24.25 -13.42
CA GLY B 180 -13.66 24.21 -14.50
C GLY B 180 -13.13 23.74 -15.84
N PRO B 181 -14.02 23.53 -16.81
CA PRO B 181 -13.57 23.03 -18.12
C PRO B 181 -12.82 24.09 -18.92
N ILE B 182 -12.03 23.61 -19.88
CA ILE B 182 -11.09 24.43 -20.64
C ILE B 182 -11.69 24.72 -22.02
N ALA B 183 -11.81 26.00 -22.36
CA ALA B 183 -12.36 26.33 -23.66
C ALA B 183 -11.37 25.99 -24.78
N PRO B 184 -11.88 25.65 -25.96
CA PRO B 184 -11.02 25.50 -27.13
C PRO B 184 -10.26 26.78 -27.44
N TRP B 185 -8.96 26.63 -27.68
CA TRP B 185 -8.14 27.74 -28.17
C TRP B 185 -6.92 27.13 -28.86
N PHE B 186 -6.21 27.98 -29.62
CA PHE B 186 -4.92 27.64 -30.22
C PHE B 186 -5.04 26.46 -31.19
N GLU B 187 -6.17 26.39 -31.89
CA GLU B 187 -6.47 25.34 -32.87
C GLU B 187 -6.62 23.95 -32.23
N GLN B 188 -6.88 23.89 -30.93
CA GLN B 188 -7.10 22.63 -30.24
C GLN B 188 -8.47 22.61 -29.58
N PRO B 189 -9.00 21.43 -29.26
CA PRO B 189 -10.38 21.35 -28.77
C PRO B 189 -10.56 21.71 -27.32
N GLY B 190 -9.49 21.74 -26.51
CA GLY B 190 -9.68 21.97 -25.09
C GLY B 190 -10.46 20.83 -24.43
N MET B 191 -11.25 21.20 -23.42
CA MET B 191 -12.20 20.35 -22.72
C MET B 191 -11.53 19.36 -21.77
N GLY B 192 -10.29 19.63 -21.37
CA GLY B 192 -9.78 19.15 -20.11
C GLY B 192 -10.34 20.00 -18.98
N THR B 193 -9.92 19.70 -17.76
CA THR B 193 -10.26 20.52 -16.60
C THR B 193 -9.02 21.31 -16.20
N GLN B 194 -9.21 22.57 -15.81
CA GLN B 194 -8.13 23.35 -15.25
C GLN B 194 -8.45 23.77 -13.82
N PHE B 195 -7.37 23.88 -13.04
CA PHE B 195 -7.34 24.36 -11.67
C PHE B 195 -6.56 25.66 -11.63
N VAL B 196 -7.23 26.73 -11.21
CA VAL B 196 -6.62 28.04 -11.08
C VAL B 196 -6.48 28.31 -9.60
N THR B 197 -5.24 28.32 -9.13
CA THR B 197 -4.95 28.48 -7.70
C THR B 197 -4.93 29.95 -7.34
N TYR B 198 -5.25 30.23 -6.08
CA TYR B 198 -5.22 31.59 -5.55
C TYR B 198 -3.85 31.97 -5.00
N THR B 199 -2.93 31.01 -4.88
CA THR B 199 -1.54 31.24 -4.53
C THR B 199 -0.72 30.59 -5.63
N ASN B 200 0.42 31.20 -6.00
CA ASN B 200 1.26 30.54 -7.00
C ASN B 200 1.82 29.23 -6.46
N VAL B 201 2.29 28.38 -7.40
CA VAL B 201 2.80 27.06 -7.05
C VAL B 201 3.90 27.14 -5.99
N LEU B 202 4.77 28.16 -6.09
CA LEU B 202 5.84 28.38 -5.11
C LEU B 202 5.28 28.54 -3.69
N GLY B 203 4.20 29.30 -3.54
CA GLY B 203 3.64 29.55 -2.22
C GLY B 203 2.87 28.35 -1.70
N LEU B 204 2.26 27.59 -2.60
CA LEU B 204 1.63 26.33 -2.23
C LEU B 204 2.65 25.33 -1.73
N ILE B 205 3.82 25.28 -2.37
CA ILE B 205 4.86 24.37 -1.91
C ILE B 205 5.43 24.85 -0.58
N ASP B 206 5.71 26.16 -0.47
CA ASP B 206 6.29 26.71 0.75
C ASP B 206 5.38 26.49 1.96
N ASP B 207 4.06 26.55 1.75
CA ASP B 207 3.11 26.39 2.84
C ASP B 207 2.65 24.94 3.03
N GLY B 208 3.22 23.97 2.31
CA GLY B 208 2.91 22.57 2.56
C GLY B 208 1.65 22.05 1.91
N TYR B 209 1.16 22.70 0.86
CA TYR B 209 -0.05 22.25 0.17
C TYR B 209 0.24 21.36 -1.02
N LEU B 210 1.40 21.52 -1.64
CA LEU B 210 1.81 20.68 -2.75
C LEU B 210 3.21 20.19 -2.48
N ARG B 211 3.53 19.06 -3.09
CA ARG B 211 4.88 18.52 -3.06
C ARG B 211 5.24 18.14 -4.49
N ARG B 212 6.51 18.33 -4.84
CA ARG B 212 6.98 18.01 -6.19
C ARG B 212 7.16 16.51 -6.33
N LEU B 213 6.71 15.95 -7.45
CA LEU B 213 6.88 14.53 -7.69
C LEU B 213 8.02 14.28 -8.66
N ASP B 214 8.88 13.32 -8.32
CA ASP B 214 9.86 12.79 -9.25
C ASP B 214 9.16 11.92 -10.30
N GLU B 215 9.78 11.83 -11.50
CA GLU B 215 9.20 11.03 -12.58
C GLU B 215 9.02 9.56 -12.17
N SER B 216 9.89 9.04 -11.29
CA SER B 216 9.68 7.71 -10.71
C SER B 216 8.35 7.57 -9.94
N GLU B 217 7.71 8.66 -9.52
CA GLU B 217 6.44 8.60 -8.82
C GLU B 217 5.26 8.76 -9.78
N TYR B 218 5.50 8.81 -11.07
CA TYR B 218 4.38 8.73 -11.99
C TYR B 218 4.77 7.93 -13.23
N ALA B 219 5.43 6.80 -12.99
CA ALA B 219 5.92 5.92 -14.04
C ALA B 219 5.04 4.69 -14.24
N ALA B 220 4.35 4.24 -13.20
CA ALA B 220 3.50 3.05 -13.28
C ALA B 220 2.04 3.46 -13.35
N LYS B 221 1.25 2.60 -14.01
CA LYS B 221 -0.18 2.85 -14.21
C LYS B 221 -0.93 3.08 -12.89
N VAL B 222 -0.59 2.30 -11.86
CA VAL B 222 -1.29 2.41 -10.56
C VAL B 222 -1.10 3.80 -9.95
N GLU B 223 0.05 4.45 -10.21
CA GLU B 223 0.28 5.80 -9.73
C GLU B 223 -0.60 6.85 -10.41
N TYR B 224 -1.40 6.48 -11.42
CA TYR B 224 -2.38 7.36 -12.03
C TYR B 224 -3.79 7.13 -11.52
N SER B 225 -4.00 6.07 -10.74
CA SER B 225 -5.32 5.79 -10.20
C SER B 225 -5.51 6.59 -8.90
N ASN B 226 -6.62 6.34 -8.21
CA ASN B 226 -7.09 7.22 -7.13
C ASN B 226 -7.37 6.36 -5.91
N PRO B 227 -6.45 6.34 -4.93
CA PRO B 227 -6.73 5.71 -3.65
C PRO B 227 -7.38 6.64 -2.62
N TYR B 228 -7.58 7.93 -2.90
CA TYR B 228 -7.97 8.86 -1.85
C TYR B 228 -9.48 9.13 -1.80
N THR B 229 -10.18 9.01 -2.92
CA THR B 229 -11.61 9.31 -2.92
C THR B 229 -12.36 8.15 -2.29
N PRO B 230 -13.12 8.35 -1.22
CA PRO B 230 -13.81 7.22 -0.59
C PRO B 230 -15.01 6.77 -1.42
N GLY B 231 -15.43 5.54 -1.17
CA GLY B 231 -16.55 4.97 -1.88
C GLY B 231 -17.87 5.43 -1.31
N PRO B 232 -18.95 5.07 -1.99
CA PRO B 232 -20.29 5.50 -1.53
C PRO B 232 -20.66 4.81 -0.23
N ASN B 233 -21.51 5.49 0.54
CA ASN B 233 -21.96 4.95 1.81
C ASN B 233 -23.06 3.92 1.57
N GLN B 234 -22.88 2.72 2.11
CA GLN B 234 -23.83 1.63 1.90
C GLN B 234 -24.29 0.98 3.21
N HIS C 23 8.07 14.38 25.81
CA HIS C 23 6.88 14.10 25.01
C HIS C 23 7.00 12.75 24.36
N THR C 24 5.96 12.37 23.61
CA THR C 24 6.02 11.11 22.86
C THR C 24 7.11 11.14 21.82
N GLU C 25 7.31 12.31 21.17
CA GLU C 25 8.37 12.42 20.16
C GLU C 25 9.75 12.19 20.76
N ASP C 26 9.96 12.53 22.04
CA ASP C 26 11.26 12.40 22.68
C ASP C 26 11.75 10.96 22.81
N SER C 27 10.89 9.96 22.61
CA SER C 27 11.26 8.55 22.68
C SER C 27 11.28 7.87 21.32
N LEU C 28 11.13 8.63 20.22
CA LEU C 28 10.99 8.00 18.90
C LEU C 28 12.31 7.59 18.28
N PHE C 29 13.45 8.15 18.70
CA PHE C 29 14.70 7.96 17.98
C PHE C 29 15.84 7.67 18.94
N PRO C 30 16.88 6.97 18.48
CA PRO C 30 18.16 6.95 19.19
C PRO C 30 18.63 8.38 19.47
N ALA C 31 19.34 8.55 20.61
CA ALA C 31 19.65 9.89 21.11
C ALA C 31 20.56 10.66 20.16
N ARG C 32 21.40 9.96 19.39
CA ARG C 32 22.30 10.58 18.43
C ARG C 32 21.55 11.36 17.35
N CYS C 33 20.30 11.00 17.08
CA CYS C 33 19.54 11.57 15.96
C CYS C 33 19.10 13.02 16.20
N TRP C 34 19.11 13.48 17.45
CA TRP C 34 18.72 14.85 17.75
C TRP C 34 19.89 15.82 17.46
N PRO C 35 19.58 17.11 17.19
CA PRO C 35 18.30 17.79 17.32
C PRO C 35 17.36 17.74 16.11
N ASP C 36 17.82 17.20 14.98
CA ASP C 36 17.03 17.13 13.74
C ASP C 36 16.94 15.67 13.30
N PRO C 37 16.16 14.84 14.01
CA PRO C 37 16.12 13.41 13.65
C PRO C 37 15.46 13.14 12.31
N CYS C 38 14.65 14.04 11.79
CA CYS C 38 13.95 13.80 10.52
C CYS C 38 14.66 14.38 9.30
N ALA C 39 15.94 14.72 9.42
CA ALA C 39 16.72 15.28 8.33
C ALA C 39 16.72 14.29 7.16
N GLY C 40 16.47 14.81 5.96
CA GLY C 40 16.36 13.98 4.79
C GLY C 40 15.02 13.29 4.58
N ILE C 41 14.04 13.41 5.50
CA ILE C 41 12.74 12.75 5.36
C ILE C 41 11.71 13.77 4.89
N THR C 42 10.97 13.43 3.83
CA THR C 42 9.90 14.27 3.31
C THR C 42 8.66 14.14 4.19
N PHE C 43 8.20 15.25 4.75
CA PHE C 43 7.04 15.23 5.66
C PHE C 43 5.76 15.03 4.87
N GLN C 44 4.89 14.14 5.34
CA GLN C 44 3.59 13.98 4.69
C GLN C 44 2.42 14.17 5.64
N ASN C 45 2.40 13.48 6.77
CA ASN C 45 1.27 13.58 7.67
C ASN C 45 1.80 13.39 9.08
N ASP C 46 1.42 14.28 9.99
CA ASP C 46 2.00 14.27 11.34
C ASP C 46 1.57 13.07 12.18
N THR C 47 0.67 12.20 11.69
CA THR C 47 0.36 10.95 12.38
C THR C 47 1.57 10.03 12.46
N TYR C 48 2.48 10.11 11.49
CA TYR C 48 3.60 9.20 11.34
C TYR C 48 4.90 9.83 11.81
N VAL C 49 5.88 8.96 12.12
CA VAL C 49 7.20 9.43 12.52
C VAL C 49 7.84 10.19 11.38
N CYS C 50 8.26 11.42 11.65
CA CYS C 50 8.82 12.33 10.64
C CYS C 50 7.85 12.60 9.48
N GLY C 51 6.53 12.42 9.70
CA GLY C 51 5.53 12.56 8.66
C GLY C 51 5.52 11.48 7.59
N ASP C 52 6.23 10.37 7.78
CA ASP C 52 6.44 9.35 6.74
C ASP C 52 5.82 8.04 7.17
N PRO C 53 4.79 7.55 6.46
CA PRO C 53 4.08 6.34 6.92
C PRO C 53 4.94 5.09 6.94
N ARG C 54 5.98 5.01 6.11
CA ARG C 54 6.89 3.87 6.16
C ARG C 54 7.65 3.77 7.48
N LEU C 55 7.73 4.87 8.25
CA LEU C 55 8.39 4.89 9.55
C LEU C 55 7.45 4.53 10.70
N GLY C 56 6.18 4.23 10.44
CA GLY C 56 5.27 3.81 11.49
C GLY C 56 4.70 5.00 12.24
N PRO C 57 3.87 4.74 13.25
CA PRO C 57 3.12 5.82 13.90
C PRO C 57 3.87 6.48 15.05
N VAL C 58 3.56 7.76 15.25
CA VAL C 58 4.04 8.45 16.45
C VAL C 58 3.47 7.80 17.70
N VAL C 59 2.17 7.52 17.70
CA VAL C 59 1.51 6.86 18.82
C VAL C 59 1.32 5.40 18.46
N LEU C 60 2.08 4.53 19.13
CA LEU C 60 2.04 3.12 18.82
C LEU C 60 0.69 2.53 19.22
N PRO C 61 0.26 1.46 18.55
CA PRO C 61 -1.00 0.79 18.95
C PRO C 61 -0.85 0.23 20.35
N GLN C 62 -1.69 0.73 21.26
CA GLN C 62 -1.54 0.48 22.70
C GLN C 62 -1.54 -1.01 23.06
N LYS C 63 -2.17 -1.86 22.26
CA LYS C 63 -2.33 -3.26 22.62
C LYS C 63 -1.29 -4.19 21.99
N PHE C 64 -0.39 -3.69 21.03
CA PHE C 64 0.36 -4.75 20.36
C PHE C 64 1.69 -5.00 21.06
N PRO C 65 2.09 -6.27 21.19
CA PRO C 65 3.33 -6.64 21.91
C PRO C 65 4.59 -6.37 21.10
N LEU C 66 5.41 -5.46 21.62
CA LEU C 66 6.65 -5.09 20.96
C LEU C 66 7.86 -5.83 21.54
N ASN C 67 8.12 -5.63 22.83
CA ASN C 67 9.30 -6.23 23.42
C ASN C 67 9.10 -7.73 23.65
N ASN C 68 10.22 -8.42 23.80
CA ASN C 68 10.33 -9.77 24.34
C ASN C 68 11.20 -9.47 25.57
N GLU C 69 10.58 -9.48 26.78
CA GLU C 69 11.26 -8.92 27.98
C GLU C 69 12.69 -9.51 28.17
N LEU C 70 13.60 -8.60 28.48
CA LEU C 70 15.05 -8.60 28.42
C LEU C 70 15.46 -7.72 27.25
N ARG C 71 14.73 -7.81 26.15
CA ARG C 71 15.03 -7.06 24.94
C ARG C 71 13.93 -6.06 24.63
N THR C 72 14.33 -4.83 24.31
CA THR C 72 13.43 -3.71 24.04
C THR C 72 13.37 -3.45 22.55
N TYR C 73 12.16 -3.33 22.01
CA TYR C 73 11.98 -3.10 20.59
C TYR C 73 12.55 -1.73 20.17
N ALA C 74 13.48 -1.74 19.23
CA ALA C 74 14.10 -0.52 18.71
C ALA C 74 13.68 -0.38 17.26
N ARG C 75 12.79 0.59 17.00
CA ARG C 75 12.10 0.69 15.72
C ARG C 75 13.09 0.88 14.57
N PHE C 76 14.19 1.58 14.82
CA PHE C 76 15.24 1.77 13.83
C PHE C 76 16.57 1.14 14.21
N GLY C 77 16.59 0.29 15.25
CA GLY C 77 17.86 -0.18 15.77
C GLY C 77 18.62 1.01 16.33
N ALA C 78 19.90 1.10 15.99
CA ALA C 78 20.72 2.25 16.35
C ALA C 78 20.75 3.32 15.27
N LEU C 79 19.92 3.20 14.23
CA LEU C 79 19.98 4.08 13.08
C LEU C 79 18.99 5.22 13.20
N CYS C 80 19.33 6.35 12.58
CA CYS C 80 18.38 7.44 12.45
C CYS C 80 17.49 7.13 11.25
N PRO C 81 16.38 7.86 11.10
CA PRO C 81 15.37 7.50 10.07
C PRO C 81 15.88 7.44 8.64
N ALA C 82 16.59 8.49 8.16
CA ALA C 82 17.12 8.42 6.80
C ALA C 82 18.17 7.31 6.65
N GLU C 83 19.03 7.12 7.66
CA GLU C 83 19.98 5.99 7.63
C GLU C 83 19.22 4.67 7.52
N PHE C 84 18.14 4.54 8.29
CA PHE C 84 17.34 3.31 8.28
C PHE C 84 16.73 3.07 6.90
N LEU C 85 16.17 4.11 6.27
CA LEU C 85 15.56 3.92 4.96
C LEU C 85 16.63 3.71 3.87
N ASP C 86 17.80 4.31 4.03
CA ASP C 86 18.86 4.12 3.04
C ASP C 86 19.36 2.69 3.08
N LYS C 87 19.36 2.08 4.26
CA LYS C 87 19.77 0.69 4.40
C LYS C 87 18.68 -0.28 3.94
N TRP C 88 17.43 -0.08 4.38
CA TRP C 88 16.40 -1.10 4.22
C TRP C 88 15.37 -0.82 3.13
N ALA C 89 15.49 0.29 2.41
CA ALA C 89 14.57 0.64 1.34
C ALA C 89 15.35 1.11 0.12
N THR C 90 14.68 1.13 -1.04
CA THR C 90 15.34 1.53 -2.29
C THR C 90 15.66 3.02 -2.31
N ASP C 91 15.02 3.82 -1.47
CA ASP C 91 15.29 5.25 -1.46
C ASP C 91 14.80 5.86 -0.16
N VAL C 92 15.51 6.90 0.28
CA VAL C 92 15.05 7.67 1.43
C VAL C 92 13.83 8.53 1.07
N ALA C 93 13.75 9.00 -0.19
CA ALA C 93 12.64 9.82 -0.63
C ALA C 93 11.36 8.99 -0.62
N PRO C 94 10.18 9.63 -0.74
CA PRO C 94 8.90 8.87 -0.65
C PRO C 94 8.70 7.81 -1.74
N ASN C 95 9.47 7.81 -2.82
CA ASN C 95 9.40 6.71 -3.79
C ASN C 95 10.09 5.44 -3.33
N GLY C 96 10.77 5.45 -2.18
CA GLY C 96 11.48 4.25 -1.73
C GLY C 96 10.51 3.22 -1.15
N THR C 97 10.75 1.96 -1.50
CA THR C 97 9.99 0.83 -1.00
C THR C 97 10.92 -0.09 -0.22
N TYR C 98 10.37 -0.74 0.81
CA TYR C 98 11.21 -1.61 1.63
C TYR C 98 11.70 -2.79 0.80
N ILE C 99 12.95 -3.16 1.04
CA ILE C 99 13.58 -4.33 0.45
C ILE C 99 13.42 -5.47 1.45
N TYR C 100 12.78 -6.55 1.03
CA TYR C 100 12.43 -7.64 1.94
C TYR C 100 13.40 -8.80 1.84
N PRO C 101 13.46 -9.66 2.86
CA PRO C 101 14.42 -10.76 2.86
C PRO C 101 14.06 -11.80 1.81
N PRO C 102 15.02 -12.62 1.39
CA PRO C 102 14.72 -13.67 0.43
C PRO C 102 13.90 -14.79 1.05
N ALA C 103 13.29 -15.59 0.16
CA ALA C 103 12.53 -16.77 0.55
C ALA C 103 11.45 -16.44 1.55
N ASN C 104 10.78 -15.30 1.33
CA ASN C 104 9.67 -14.85 2.16
C ASN C 104 10.03 -14.66 3.64
N GLY C 105 11.31 -14.45 3.94
CA GLY C 105 11.74 -14.21 5.30
C GLY C 105 12.01 -15.42 6.17
N PHE C 106 11.93 -16.63 5.63
CA PHE C 106 12.35 -17.80 6.40
C PHE C 106 13.86 -17.75 6.62
N ALA C 107 14.28 -18.22 7.80
CA ALA C 107 15.70 -18.46 8.07
C ALA C 107 16.25 -19.41 7.01
N LEU C 108 17.44 -19.11 6.52
CA LEU C 108 18.08 -19.89 5.46
C LEU C 108 19.10 -20.82 6.08
N ASP C 109 19.21 -22.02 5.51
CA ASP C 109 20.20 -22.99 5.97
C ASP C 109 21.53 -22.69 5.30
N THR C 110 22.53 -23.55 5.51
CA THR C 110 23.87 -23.31 4.96
C THR C 110 23.90 -23.37 3.43
N GLU C 111 22.92 -24.00 2.80
CA GLU C 111 22.76 -24.00 1.36
C GLU C 111 21.87 -22.86 0.86
N GLU C 112 21.53 -21.92 1.74
CA GLU C 112 20.74 -20.74 1.37
C GLU C 112 19.32 -21.11 0.95
N GLN C 113 18.81 -22.23 1.45
CA GLN C 113 17.44 -22.70 1.32
C GLN C 113 16.66 -22.41 2.59
N PRO C 114 15.40 -21.99 2.48
CA PRO C 114 14.61 -21.70 3.68
C PRO C 114 14.40 -22.95 4.54
N ILE C 115 14.46 -22.76 5.85
CA ILE C 115 14.26 -23.84 6.80
C ILE C 115 12.76 -23.91 7.09
N LEU C 116 12.11 -24.98 6.63
CA LEU C 116 10.70 -25.11 6.90
C LEU C 116 10.28 -26.55 6.63
N GLY C 117 9.15 -26.92 7.21
CA GLY C 117 8.59 -28.23 6.97
C GLY C 117 7.08 -28.10 7.02
N ASN C 118 6.41 -29.09 6.46
CA ASN C 118 4.95 -29.09 6.44
C ASN C 118 4.41 -29.84 7.65
N ALA C 119 3.42 -29.24 8.30
CA ALA C 119 2.81 -29.82 9.48
C ALA C 119 1.32 -29.51 9.51
N THR C 120 0.59 -30.37 10.22
CA THR C 120 -0.84 -30.19 10.41
C THR C 120 -1.09 -29.23 11.57
N LEU C 121 -1.88 -28.20 11.32
CA LEU C 121 -2.19 -27.37 12.47
C LEU C 121 -3.42 -27.93 13.17
N PRO C 122 -3.43 -28.02 14.50
CA PRO C 122 -4.57 -28.63 15.19
C PRO C 122 -5.70 -27.62 15.37
N VAL C 123 -6.92 -28.17 15.43
CA VAL C 123 -8.11 -27.37 15.72
C VAL C 123 -7.89 -26.61 17.03
N GLY C 124 -8.29 -25.34 17.03
CA GLY C 124 -8.14 -24.49 18.18
C GLY C 124 -6.91 -23.60 18.20
N MET C 125 -5.90 -23.89 17.39
CA MET C 125 -4.68 -23.08 17.41
C MET C 125 -4.95 -21.67 16.89
N LYS C 126 -4.40 -20.68 17.58
CA LYS C 126 -4.65 -19.28 17.26
C LYS C 126 -3.46 -18.73 16.49
N LEU C 127 -3.75 -18.07 15.37
CA LEU C 127 -2.74 -17.48 14.50
C LEU C 127 -3.04 -15.99 14.36
N ASP C 128 -2.04 -15.20 13.93
CA ASP C 128 -2.35 -13.85 13.52
C ASP C 128 -1.55 -13.51 12.26
N ARG C 129 -1.82 -12.33 11.72
CA ARG C 129 -1.22 -11.93 10.46
C ARG C 129 -1.20 -10.42 10.34
N PHE C 130 -0.08 -9.88 9.82
CA PHE C 130 -0.02 -8.52 9.32
C PHE C 130 -0.19 -8.55 7.81
N GLY C 131 -1.27 -7.97 7.31
CA GLY C 131 -1.53 -7.89 5.88
C GLY C 131 -2.94 -8.36 5.56
N SER C 132 -3.35 -8.07 4.33
CA SER C 132 -4.69 -8.39 3.87
C SER C 132 -4.85 -9.91 3.75
N GLU C 133 -6.11 -10.32 3.58
CA GLU C 133 -6.49 -11.72 3.56
C GLU C 133 -6.21 -12.40 2.22
N TYR C 134 -5.75 -11.64 1.22
CA TYR C 134 -5.17 -12.22 0.01
C TYR C 134 -3.82 -12.90 0.28
N GLY C 135 -3.20 -12.65 1.41
CA GLY C 135 -1.89 -13.19 1.70
C GLY C 135 -1.92 -14.60 2.25
N THR C 136 -0.71 -15.14 2.47
CA THR C 136 -0.55 -16.54 2.89
C THR C 136 0.42 -16.71 4.07
N PHE C 137 0.79 -15.65 4.79
CA PHE C 137 1.77 -15.76 5.86
C PHE C 137 1.19 -15.32 7.19
N LEU C 138 1.30 -16.20 8.20
CA LEU C 138 0.77 -15.95 9.53
C LEU C 138 1.81 -16.31 10.58
N ALA C 139 1.48 -16.04 11.83
CA ALA C 139 2.39 -16.32 12.93
C ALA C 139 1.56 -16.79 14.12
N PRO C 140 2.15 -17.30 15.18
CA PRO C 140 1.35 -17.62 16.37
C PRO C 140 0.82 -16.34 16.99
N LEU C 141 -0.42 -16.44 17.50
CA LEU C 141 -1.09 -15.29 18.07
C LEU C 141 -0.22 -14.64 19.14
N GLY C 142 -0.02 -13.32 18.98
CA GLY C 142 0.66 -12.54 19.99
C GLY C 142 2.17 -12.65 20.02
N ALA C 143 2.81 -13.33 19.05
CA ALA C 143 4.27 -13.35 18.95
C ALA C 143 4.82 -11.93 18.97
N PRO C 144 5.87 -11.65 19.74
CA PRO C 144 6.36 -10.28 19.92
C PRO C 144 6.81 -9.71 18.58
N TYR C 145 6.56 -8.40 18.41
CA TYR C 145 6.84 -7.75 17.13
C TYR C 145 8.31 -7.90 16.74
N ILE C 146 9.19 -7.84 17.75
CA ILE C 146 10.64 -7.95 17.55
C ILE C 146 11.04 -9.26 16.88
N GLU C 147 10.24 -10.33 17.06
CA GLU C 147 10.51 -11.64 16.49
C GLU C 147 10.06 -11.77 15.06
N ARG C 148 9.31 -10.80 14.54
CA ARG C 148 8.67 -10.99 13.25
C ARG C 148 9.47 -10.44 12.06
N SER C 149 10.48 -9.59 12.31
CA SER C 149 11.28 -8.99 11.24
C SER C 149 10.39 -8.27 10.21
N LEU C 150 9.50 -7.43 10.73
CA LEU C 150 8.59 -6.68 9.90
C LEU C 150 8.91 -5.20 10.01
N PRO C 151 8.76 -4.43 8.93
CA PRO C 151 9.15 -3.01 9.00
C PRO C 151 8.18 -2.22 9.85
N PRO C 152 8.58 -1.02 10.29
CA PRO C 152 7.76 -0.25 11.26
C PRO C 152 6.39 0.17 10.73
N SER C 153 6.23 0.29 9.40
CA SER C 153 4.97 0.72 8.80
C SER C 153 3.81 -0.20 9.18
N ASN C 154 4.07 -1.49 9.46
CA ASN C 154 2.98 -2.39 9.84
C ASN C 154 2.36 -2.04 11.19
N LEU C 155 3.03 -1.23 12.02
CA LEU C 155 2.43 -0.78 13.28
C LEU C 155 1.42 0.36 13.12
N ASN C 156 1.25 0.91 11.91
CA ASN C 156 0.32 2.01 11.71
C ASN C 156 -1.08 1.57 12.14
N THR C 157 -1.81 2.50 12.74
CA THR C 157 -3.04 2.17 13.44
C THR C 157 -4.02 3.29 13.18
N PHE C 158 -5.27 2.92 12.93
CA PHE C 158 -6.32 3.92 12.83
C PHE C 158 -6.93 4.26 14.18
N ASP C 159 -6.97 3.31 15.12
CA ASP C 159 -7.66 3.51 16.40
C ASP C 159 -6.70 3.70 17.55
N GLY C 160 -5.39 3.74 17.31
CA GLY C 160 -4.44 3.74 18.40
C GLY C 160 -4.42 2.51 19.32
N MET C 161 -5.12 1.44 18.94
CA MET C 161 -5.20 0.24 19.77
C MET C 161 -4.53 -0.97 19.11
N TYR C 162 -4.96 -1.32 17.90
CA TYR C 162 -4.36 -2.41 17.15
C TYR C 162 -3.87 -1.90 15.80
N PRO C 163 -2.85 -2.53 15.23
CA PRO C 163 -2.39 -2.16 13.88
C PRO C 163 -3.54 -2.33 12.88
N TYR C 164 -3.60 -1.39 11.93
CA TYR C 164 -4.69 -1.32 10.95
C TYR C 164 -4.76 -2.61 10.15
N ASN C 165 -3.63 -3.24 9.92
CA ASN C 165 -3.57 -4.37 9.03
C ASN C 165 -3.38 -5.69 9.78
N TYR C 166 -3.69 -5.70 11.07
CA TYR C 166 -3.51 -6.87 11.92
C TYR C 166 -4.81 -7.67 12.04
N HIS C 167 -4.69 -8.99 11.94
CA HIS C 167 -5.84 -9.90 12.02
C HIS C 167 -5.47 -11.11 12.86
N VAL C 168 -6.50 -11.71 13.46
CA VAL C 168 -6.34 -12.89 14.29
C VAL C 168 -7.35 -13.95 13.84
N TYR C 169 -6.90 -15.20 13.79
CA TYR C 169 -7.68 -16.32 13.29
C TYR C 169 -7.55 -17.50 14.24
N GLN C 170 -8.51 -18.42 14.14
CA GLN C 170 -8.43 -19.68 14.87
C GLN C 170 -8.72 -20.83 13.92
N VAL C 171 -7.90 -21.88 14.04
CA VAL C 171 -8.08 -23.09 13.23
C VAL C 171 -9.35 -23.80 13.67
N THR C 172 -10.30 -23.92 12.74
CA THR C 172 -11.54 -24.64 13.03
C THR C 172 -11.58 -26.00 12.35
N LYS C 173 -10.62 -26.32 11.50
CA LYS C 173 -10.52 -27.62 10.87
C LYS C 173 -9.05 -27.82 10.52
N GLU C 174 -8.51 -29.01 10.80
CA GLU C 174 -7.09 -29.29 10.57
C GLU C 174 -6.73 -29.10 9.11
N PHE C 175 -5.52 -28.58 8.87
CA PHE C 175 -5.00 -28.44 7.51
C PHE C 175 -3.51 -28.23 7.60
N VAL C 176 -2.82 -28.49 6.50
CA VAL C 176 -1.36 -28.53 6.48
C VAL C 176 -0.82 -27.18 6.03
N VAL C 177 0.22 -26.71 6.74
CA VAL C 177 0.94 -25.49 6.37
C VAL C 177 2.44 -25.76 6.39
N GLY C 178 3.18 -24.87 5.75
CA GLY C 178 4.61 -24.79 5.98
C GLY C 178 4.89 -23.98 7.23
N LEU C 179 5.94 -24.37 7.94
CA LEU C 179 6.23 -23.85 9.27
C LEU C 179 7.75 -23.72 9.37
N GLY C 180 8.22 -22.55 9.76
CA GLY C 180 9.65 -22.37 9.95
C GLY C 180 10.04 -21.07 10.60
N PRO C 181 11.30 -20.96 10.97
CA PRO C 181 11.79 -19.79 11.71
C PRO C 181 11.98 -18.57 10.82
N ILE C 182 11.99 -17.41 11.47
CA ILE C 182 12.01 -16.10 10.81
C ILE C 182 13.42 -15.53 10.85
N ALA C 183 13.97 -15.16 9.69
CA ALA C 183 15.32 -14.60 9.64
C ALA C 183 15.32 -13.18 10.23
N PRO C 184 16.43 -12.74 10.82
CA PRO C 184 16.55 -11.32 11.20
C PRO C 184 16.50 -10.43 9.96
N TRP C 185 15.78 -9.30 10.10
CA TRP C 185 15.73 -8.27 9.05
C TRP C 185 15.21 -6.98 9.68
N PHE C 186 15.50 -5.86 9.01
CA PHE C 186 14.99 -4.54 9.39
C PHE C 186 15.48 -4.10 10.77
N GLU C 187 16.69 -4.51 11.15
CA GLU C 187 17.32 -4.34 12.46
C GLU C 187 16.71 -5.21 13.56
N GLN C 188 15.77 -6.07 13.25
CA GLN C 188 15.14 -6.92 14.27
C GLN C 188 15.77 -8.30 14.30
N PRO C 189 15.78 -8.96 15.47
CA PRO C 189 16.42 -10.28 15.56
C PRO C 189 15.65 -11.42 14.90
N GLY C 190 14.35 -11.26 14.62
CA GLY C 190 13.61 -12.36 14.02
C GLY C 190 13.51 -13.53 14.99
N MET C 191 13.49 -14.74 14.43
CA MET C 191 13.52 -16.02 15.13
C MET C 191 12.21 -16.34 15.84
N GLY C 192 11.13 -15.67 15.47
CA GLY C 192 9.81 -16.23 15.69
C GLY C 192 9.57 -17.34 14.67
N THR C 193 8.35 -17.87 14.69
CA THR C 193 7.94 -18.87 13.72
C THR C 193 6.92 -18.24 12.80
N GLN C 194 7.00 -18.58 11.52
CA GLN C 194 5.98 -18.15 10.59
C GLN C 194 5.43 -19.36 9.85
N PHE C 195 4.17 -19.22 9.47
CA PHE C 195 3.40 -20.23 8.74
C PHE C 195 3.10 -19.70 7.35
N VAL C 196 3.33 -20.54 6.33
CA VAL C 196 2.93 -20.27 4.97
C VAL C 196 1.80 -21.23 4.62
N THR C 197 0.67 -20.68 4.19
CA THR C 197 -0.48 -21.48 3.77
C THR C 197 -0.44 -21.66 2.26
N TYR C 198 -1.08 -22.75 1.80
CA TYR C 198 -1.16 -23.02 0.36
C TYR C 198 -2.49 -22.62 -0.22
N THR C 199 -3.29 -21.90 0.56
CA THR C 199 -4.49 -21.21 0.12
C THR C 199 -4.44 -19.88 0.85
N ASN C 200 -4.87 -18.81 0.20
CA ASN C 200 -4.91 -17.53 0.89
C ASN C 200 -5.90 -17.58 2.05
N VAL C 201 -5.80 -16.58 2.93
CA VAL C 201 -6.60 -16.54 4.14
C VAL C 201 -8.09 -16.48 3.80
N LEU C 202 -8.44 -15.81 2.70
CA LEU C 202 -9.83 -15.70 2.28
C LEU C 202 -10.42 -17.08 1.96
N GLY C 203 -9.66 -17.91 1.24
CA GLY C 203 -10.17 -19.24 0.90
C GLY C 203 -10.20 -20.18 2.08
N LEU C 204 -9.24 -20.04 3.00
CA LEU C 204 -9.25 -20.81 4.23
C LEU C 204 -10.48 -20.48 5.06
N ILE C 205 -10.83 -19.20 5.15
CA ILE C 205 -12.07 -18.79 5.82
C ILE C 205 -13.27 -19.37 5.10
N ASP C 206 -13.30 -19.26 3.77
CA ASP C 206 -14.47 -19.66 3.01
C ASP C 206 -14.72 -21.16 3.09
N ASP C 207 -13.66 -21.96 3.16
CA ASP C 207 -13.80 -23.40 3.24
C ASP C 207 -13.89 -23.93 4.67
N GLY C 208 -13.88 -23.07 5.68
CA GLY C 208 -14.12 -23.49 7.04
C GLY C 208 -12.91 -23.98 7.78
N TYR C 209 -11.71 -23.65 7.31
CA TYR C 209 -10.47 -24.01 7.98
C TYR C 209 -10.03 -22.99 9.00
N LEU C 210 -10.37 -21.71 8.79
CA LEU C 210 -10.05 -20.66 9.73
C LEU C 210 -11.32 -19.86 10.02
N ARG C 211 -11.43 -19.42 11.26
CA ARG C 211 -12.44 -18.45 11.67
C ARG C 211 -11.72 -17.14 12.02
N ARG C 212 -12.32 -16.02 11.66
CA ARG C 212 -11.75 -14.71 11.93
C ARG C 212 -12.23 -14.25 13.30
N LEU C 213 -11.31 -13.96 14.20
CA LEU C 213 -11.66 -13.55 15.56
C LEU C 213 -11.99 -12.06 15.61
N ASP C 214 -12.98 -11.71 16.43
CA ASP C 214 -13.22 -10.31 16.78
C ASP C 214 -12.17 -9.84 17.78
N GLU C 215 -11.99 -8.51 17.84
CA GLU C 215 -11.01 -7.92 18.77
C GLU C 215 -11.32 -8.30 20.22
N SER C 216 -12.62 -8.39 20.55
CA SER C 216 -13.04 -8.84 21.89
C SER C 216 -12.54 -10.24 22.25
N GLU C 217 -12.11 -11.05 21.27
CA GLU C 217 -11.60 -12.40 21.53
C GLU C 217 -10.08 -12.50 21.56
N TYR C 218 -9.35 -11.43 21.22
CA TYR C 218 -7.90 -11.54 20.98
C TYR C 218 -7.17 -11.98 22.24
N ALA C 219 -7.38 -11.26 23.33
CA ALA C 219 -6.68 -11.50 24.58
C ALA C 219 -7.42 -12.46 25.50
N ALA C 220 -8.27 -13.32 24.95
CA ALA C 220 -8.99 -14.31 25.74
C ALA C 220 -8.01 -15.20 26.50
N LYS C 221 -8.39 -15.59 27.72
CA LYS C 221 -7.42 -16.23 28.60
C LYS C 221 -8.16 -16.89 29.75
N VAL C 222 -7.47 -17.83 30.40
CA VAL C 222 -8.00 -18.48 31.58
C VAL C 222 -7.89 -17.53 32.77
N GLU C 223 -9.01 -17.28 33.44
CA GLU C 223 -8.97 -16.40 34.60
C GLU C 223 -8.23 -17.06 35.75
N TYR C 224 -7.14 -16.43 36.20
CA TYR C 224 -6.38 -16.87 37.37
C TYR C 224 -6.69 -15.92 38.52
N SER C 225 -7.65 -16.31 39.36
CA SER C 225 -8.03 -15.51 40.50
C SER C 225 -8.65 -16.44 41.53
N ASN C 226 -8.92 -15.87 42.71
CA ASN C 226 -9.55 -16.59 43.82
C ASN C 226 -10.97 -16.07 44.00
N PRO C 227 -12.01 -16.81 43.60
CA PRO C 227 -13.40 -16.34 43.80
C PRO C 227 -13.82 -16.13 45.28
N TYR C 228 -12.96 -16.52 46.23
CA TYR C 228 -13.13 -16.38 47.68
C TYR C 228 -12.42 -15.07 48.05
N THR C 229 -13.13 -13.96 47.76
CA THR C 229 -12.66 -12.59 47.90
C THR C 229 -11.44 -12.40 47.01
N PRO C 230 -11.63 -12.06 45.72
CA PRO C 230 -10.54 -11.94 44.75
C PRO C 230 -9.77 -10.62 44.91
N THR D 24 0.52 -13.72 45.28
CA THR D 24 -0.11 -13.69 46.62
C THR D 24 -0.94 -14.95 46.93
N GLU D 25 -0.77 -15.95 46.06
CA GLU D 25 -1.48 -17.23 45.97
C GLU D 25 -2.80 -17.11 45.20
N ASP D 26 -3.44 -15.95 45.26
CA ASP D 26 -4.73 -15.82 44.59
C ASP D 26 -4.62 -15.72 43.07
N SER D 27 -3.45 -15.46 42.52
CA SER D 27 -3.24 -15.48 41.07
C SER D 27 -2.54 -16.75 40.61
N LEU D 28 -2.37 -17.74 41.47
CA LEU D 28 -1.55 -18.88 41.10
C LEU D 28 -2.31 -19.95 40.32
N PHE D 29 -3.64 -19.98 40.44
CA PHE D 29 -4.43 -21.07 39.87
C PHE D 29 -5.60 -20.53 39.05
N PRO D 30 -6.01 -21.25 38.02
CA PRO D 30 -7.34 -21.04 37.44
C PRO D 30 -8.41 -20.96 38.54
N ALA D 31 -9.41 -20.09 38.31
CA ALA D 31 -10.40 -19.77 39.33
C ALA D 31 -11.21 -21.00 39.75
N ARG D 32 -11.38 -21.96 38.83
CA ARG D 32 -12.13 -23.19 39.12
C ARG D 32 -11.52 -24.00 40.25
N CYS D 33 -10.20 -23.91 40.44
CA CYS D 33 -9.48 -24.78 41.37
C CYS D 33 -9.76 -24.47 42.84
N TRP D 34 -10.39 -23.33 43.14
CA TRP D 34 -10.64 -22.99 44.53
C TRP D 34 -11.92 -23.67 45.02
N PRO D 35 -12.05 -23.92 46.34
CA PRO D 35 -11.18 -23.46 47.43
C PRO D 35 -9.99 -24.37 47.78
N ASP D 36 -9.85 -25.53 47.15
CA ASP D 36 -8.80 -26.49 47.47
C ASP D 36 -7.95 -26.74 46.22
N PRO D 37 -7.21 -25.73 45.75
CA PRO D 37 -6.50 -25.89 44.47
C PRO D 37 -5.39 -26.93 44.53
N CYS D 38 -4.84 -27.18 45.72
CA CYS D 38 -3.74 -28.12 45.88
C CYS D 38 -4.20 -29.54 46.23
N ALA D 39 -5.48 -29.83 46.00
CA ALA D 39 -6.05 -31.14 46.29
C ALA D 39 -5.22 -32.21 45.57
N GLY D 40 -4.79 -33.22 46.33
CA GLY D 40 -4.02 -34.32 45.81
C GLY D 40 -2.51 -34.08 45.73
N ILE D 41 -2.03 -32.87 46.01
CA ILE D 41 -0.61 -32.56 45.94
C ILE D 41 0.00 -32.71 47.32
N THR D 42 1.10 -33.44 47.41
CA THR D 42 1.83 -33.56 48.66
C THR D 42 2.69 -32.32 48.85
N PHE D 43 2.46 -31.60 49.94
CA PHE D 43 3.26 -30.42 50.27
C PHE D 43 4.68 -30.82 50.62
N GLN D 44 5.68 -30.12 50.05
CA GLN D 44 7.07 -30.35 50.40
C GLN D 44 7.77 -29.11 50.96
N ASN D 45 7.71 -27.97 50.27
CA ASN D 45 8.50 -26.79 50.62
C ASN D 45 7.67 -25.53 50.43
N ASP D 46 7.90 -24.52 51.27
CA ASP D 46 7.02 -23.34 51.27
C ASP D 46 7.15 -22.50 50.00
N THR D 47 8.33 -22.43 49.41
CA THR D 47 8.55 -21.47 48.33
C THR D 47 7.93 -21.88 47.00
N TYR D 48 7.40 -23.10 46.89
CA TYR D 48 6.86 -23.63 45.65
C TYR D 48 5.34 -23.70 45.69
N VAL D 49 4.71 -23.62 44.51
CA VAL D 49 3.26 -23.67 44.40
C VAL D 49 2.78 -25.02 44.91
N CYS D 50 1.84 -24.98 45.86
CA CYS D 50 1.36 -26.17 46.57
C CYS D 50 2.47 -26.90 47.30
N GLY D 51 3.58 -26.24 47.61
CA GLY D 51 4.68 -26.95 48.22
C GLY D 51 5.42 -27.90 47.30
N ASP D 52 5.18 -27.85 45.99
CA ASP D 52 5.77 -28.84 45.07
C ASP D 52 6.71 -28.13 44.11
N PRO D 53 8.03 -28.42 44.15
CA PRO D 53 8.98 -27.72 43.28
C PRO D 53 8.68 -27.92 41.79
N ARG D 54 8.08 -29.05 41.41
CA ARG D 54 7.66 -29.28 40.03
C ARG D 54 6.65 -28.24 39.54
N LEU D 55 5.89 -27.60 40.43
CA LEU D 55 4.91 -26.61 40.01
C LEU D 55 5.48 -25.18 39.93
N GLY D 56 6.77 -24.99 40.14
CA GLY D 56 7.38 -23.68 40.04
C GLY D 56 7.26 -22.84 41.31
N PRO D 57 7.83 -21.63 41.28
CA PRO D 57 7.84 -20.80 42.50
C PRO D 57 6.53 -20.07 42.72
N VAL D 58 6.26 -19.77 44.00
CA VAL D 58 5.16 -18.87 44.30
C VAL D 58 5.45 -17.48 43.75
N VAL D 59 6.68 -17.00 43.93
CA VAL D 59 7.10 -15.69 43.44
C VAL D 59 7.95 -15.90 42.18
N LEU D 60 7.43 -15.46 41.05
CA LEU D 60 8.15 -15.61 39.80
C LEU D 60 9.39 -14.72 39.76
N PRO D 61 10.41 -15.12 39.01
CA PRO D 61 11.57 -14.25 38.81
C PRO D 61 11.12 -12.95 38.16
N GLN D 62 11.53 -11.83 38.74
CA GLN D 62 10.97 -10.55 38.33
C GLN D 62 11.41 -10.16 36.91
N LYS D 63 12.56 -10.64 36.47
CA LYS D 63 13.12 -10.20 35.19
C LYS D 63 12.65 -11.03 34.00
N PHE D 64 11.89 -12.14 34.23
CA PHE D 64 11.83 -12.98 33.04
C PHE D 64 10.55 -12.72 32.25
N PRO D 65 10.62 -12.82 30.84
CA PRO D 65 9.42 -12.68 29.97
C PRO D 65 8.55 -13.93 29.82
N LEU D 66 7.38 -13.86 30.48
CA LEU D 66 6.36 -14.90 30.51
C LEU D 66 5.43 -14.67 29.33
N ASN D 67 4.66 -13.59 29.41
CA ASN D 67 3.64 -13.32 28.42
C ASN D 67 4.28 -12.95 27.08
N ASN D 68 3.49 -13.09 26.02
CA ASN D 68 3.90 -12.47 24.76
C ASN D 68 3.04 -11.27 24.43
N GLU D 69 2.22 -10.81 25.39
CA GLU D 69 1.21 -9.74 25.28
C GLU D 69 0.17 -9.95 24.16
N LEU D 70 -1.13 -9.75 24.51
CA LEU D 70 -2.34 -10.39 23.96
C LEU D 70 -2.47 -11.85 24.39
N ARG D 71 -1.43 -12.43 25.00
CA ARG D 71 -1.48 -13.74 25.61
C ARG D 71 -0.72 -13.71 26.92
N THR D 72 -1.36 -14.24 27.95
CA THR D 72 -0.81 -14.26 29.29
C THR D 72 -0.29 -15.66 29.56
N TYR D 73 0.85 -15.76 30.23
CA TYR D 73 1.34 -17.06 30.65
C TYR D 73 0.39 -17.66 31.68
N ALA D 74 -0.16 -18.83 31.36
CA ALA D 74 -0.99 -19.58 32.31
C ALA D 74 -0.18 -20.81 32.69
N ARG D 75 0.27 -20.83 33.95
CA ARG D 75 1.22 -21.85 34.41
C ARG D 75 0.67 -23.26 34.23
N PHE D 76 -0.66 -23.44 34.38
CA PHE D 76 -1.28 -24.76 34.27
C PHE D 76 -2.27 -24.85 33.11
N GLY D 77 -2.25 -23.88 32.19
CA GLY D 77 -3.34 -23.75 31.23
C GLY D 77 -4.64 -23.56 32.01
N ALA D 78 -5.66 -24.35 31.66
CA ALA D 78 -6.92 -24.31 32.39
C ALA D 78 -7.02 -25.40 33.46
N LEU D 79 -5.96 -26.16 33.68
CA LEU D 79 -5.98 -27.30 34.59
C LEU D 79 -5.63 -26.89 36.01
N CYS D 80 -6.18 -27.62 36.97
CA CYS D 80 -5.70 -27.48 38.33
C CYS D 80 -4.44 -28.32 38.51
N PRO D 81 -3.66 -28.06 39.60
CA PRO D 81 -2.35 -28.71 39.80
C PRO D 81 -2.29 -30.23 39.64
N ALA D 82 -3.13 -31.01 40.36
CA ALA D 82 -3.07 -32.46 40.20
C ALA D 82 -3.47 -32.90 38.77
N GLU D 83 -4.47 -32.24 38.18
CA GLU D 83 -4.83 -32.51 36.78
C GLU D 83 -3.62 -32.26 35.86
N PHE D 84 -2.89 -31.18 36.13
CA PHE D 84 -1.72 -30.83 35.34
C PHE D 84 -0.65 -31.91 35.45
N LEU D 85 -0.32 -32.31 36.68
CA LEU D 85 0.70 -33.34 36.88
C LEU D 85 0.25 -34.69 36.33
N ASP D 86 -1.05 -34.99 36.44
CA ASP D 86 -1.56 -36.27 35.93
C ASP D 86 -1.39 -36.34 34.42
N LYS D 87 -1.62 -35.21 33.75
CA LYS D 87 -1.45 -35.18 32.30
C LYS D 87 0.02 -35.14 31.86
N TRP D 88 0.87 -34.37 32.54
CA TRP D 88 2.21 -34.05 32.00
C TRP D 88 3.36 -34.69 32.74
N ALA D 89 3.11 -35.38 33.84
CA ALA D 89 4.13 -36.08 34.60
C ALA D 89 3.71 -37.54 34.72
N THR D 90 4.67 -38.38 35.14
CA THR D 90 4.45 -39.83 35.22
C THR D 90 3.62 -40.22 36.44
N ASP D 91 3.50 -39.32 37.41
CA ASP D 91 2.84 -39.63 38.67
C ASP D 91 2.62 -38.33 39.40
N VAL D 92 1.40 -38.09 39.90
CA VAL D 92 1.13 -36.91 40.71
C VAL D 92 1.89 -36.95 42.03
N ALA D 93 2.27 -38.16 42.51
CA ALA D 93 3.17 -38.28 43.66
C ALA D 93 4.47 -37.50 43.43
N PRO D 94 5.14 -37.11 44.52
CA PRO D 94 6.32 -36.21 44.43
C PRO D 94 7.40 -36.74 43.48
N ASN D 95 7.58 -38.10 43.37
CA ASN D 95 8.62 -38.64 42.51
C ASN D 95 8.23 -38.77 41.07
N GLY D 96 7.06 -38.28 40.71
CA GLY D 96 6.72 -38.22 39.31
C GLY D 96 7.61 -37.24 38.59
N THR D 97 8.03 -37.62 37.40
CA THR D 97 8.90 -36.80 36.57
C THR D 97 8.09 -36.27 35.39
N TYR D 98 8.50 -35.11 34.87
CA TYR D 98 7.79 -34.57 33.73
C TYR D 98 8.02 -35.44 32.51
N ILE D 99 6.99 -35.53 31.68
CA ILE D 99 7.05 -36.22 30.40
C ILE D 99 7.36 -35.18 29.34
N TYR D 100 8.54 -35.28 28.71
CA TYR D 100 8.97 -34.29 27.74
C TYR D 100 8.60 -34.71 26.32
N PRO D 101 8.51 -33.75 25.38
CA PRO D 101 8.07 -34.09 24.03
C PRO D 101 9.16 -34.84 23.28
N PRO D 102 8.81 -35.55 22.21
CA PRO D 102 9.81 -36.26 21.41
C PRO D 102 10.66 -35.30 20.59
N ALA D 103 11.73 -35.87 20.03
CA ALA D 103 12.66 -35.18 19.13
C ALA D 103 13.18 -33.88 19.73
N ASN D 104 13.48 -33.93 21.03
CA ASN D 104 14.04 -32.78 21.77
C ASN D 104 13.13 -31.53 21.72
N GLY D 105 11.83 -31.74 21.56
CA GLY D 105 10.88 -30.64 21.57
C GLY D 105 10.74 -29.85 20.27
N PHE D 106 11.42 -30.24 19.21
CA PHE D 106 11.18 -29.58 17.92
C PHE D 106 9.79 -29.94 17.41
N ALA D 107 9.14 -28.97 16.76
CA ALA D 107 7.89 -29.23 16.06
C ALA D 107 8.08 -30.30 15.00
N LEU D 108 7.08 -31.18 14.88
CA LEU D 108 7.15 -32.33 14.00
C LEU D 108 6.37 -32.04 12.73
N ASP D 109 6.88 -32.55 11.61
CA ASP D 109 6.23 -32.38 10.31
C ASP D 109 5.18 -33.48 10.14
N THR D 110 4.55 -33.54 8.95
CA THR D 110 3.48 -34.51 8.72
C THR D 110 3.97 -35.95 8.77
N GLU D 111 5.26 -36.20 8.57
CA GLU D 111 5.85 -37.53 8.72
C GLU D 111 6.43 -37.77 10.11
N GLU D 112 6.01 -36.97 11.11
CA GLU D 112 6.46 -37.10 12.49
C GLU D 112 7.97 -36.88 12.63
N GLN D 113 8.57 -36.11 11.73
CA GLN D 113 9.99 -35.78 11.75
C GLN D 113 10.20 -34.36 12.24
N PRO D 114 11.23 -34.14 13.05
CA PRO D 114 11.50 -32.79 13.58
C PRO D 114 11.84 -31.81 12.45
N ILE D 115 11.22 -30.64 12.52
CA ILE D 115 11.49 -29.59 11.55
C ILE D 115 12.74 -28.84 12.00
N LEU D 116 13.83 -29.03 11.27
CA LEU D 116 15.14 -28.57 11.70
C LEU D 116 16.00 -28.36 10.47
N GLY D 117 16.80 -27.31 10.49
CA GLY D 117 17.79 -27.10 9.45
C GLY D 117 19.09 -26.63 10.04
N ASN D 118 20.16 -26.78 9.27
CA ASN D 118 21.47 -26.34 9.72
C ASN D 118 21.79 -24.96 9.16
N ALA D 119 22.16 -24.03 10.02
CA ALA D 119 22.46 -22.67 9.59
C ALA D 119 23.65 -22.12 10.35
N THR D 120 24.30 -21.15 9.72
CA THR D 120 25.41 -20.42 10.33
C THR D 120 24.86 -19.27 11.15
N LEU D 121 25.14 -19.28 12.44
CA LEU D 121 24.74 -18.17 13.30
C LEU D 121 25.70 -17.01 13.09
N PRO D 122 25.21 -15.79 12.88
CA PRO D 122 26.09 -14.66 12.64
C PRO D 122 26.69 -14.13 13.93
N VAL D 123 27.87 -13.50 13.79
CA VAL D 123 28.52 -12.88 14.93
C VAL D 123 27.63 -11.79 15.50
N GLY D 124 27.63 -11.66 16.82
CA GLY D 124 26.81 -10.68 17.49
C GLY D 124 25.42 -11.17 17.92
N MET D 125 24.96 -12.30 17.37
CA MET D 125 23.66 -12.84 17.75
C MET D 125 23.64 -13.20 19.23
N LYS D 126 22.57 -12.80 19.93
CA LYS D 126 22.45 -13.04 21.37
C LYS D 126 21.53 -14.24 21.61
N LEU D 127 21.98 -15.14 22.47
CA LEU D 127 21.31 -16.41 22.75
C LEU D 127 21.13 -16.55 24.25
N ASP D 128 20.22 -17.44 24.66
CA ASP D 128 20.13 -17.79 26.08
C ASP D 128 19.83 -19.27 26.23
N ARG D 129 19.94 -19.75 27.46
CA ARG D 129 19.75 -21.18 27.72
C ARG D 129 19.30 -21.43 29.15
N PHE D 130 18.36 -22.38 29.31
CA PHE D 130 18.00 -22.99 30.59
C PHE D 130 18.77 -24.30 30.68
N GLY D 131 19.71 -24.40 31.62
CA GLY D 131 20.47 -25.61 31.83
C GLY D 131 21.95 -25.35 31.89
N SER D 132 22.67 -26.40 32.30
CA SER D 132 24.11 -26.28 32.49
C SER D 132 24.81 -26.09 31.15
N GLU D 133 26.05 -25.60 31.22
CA GLU D 133 26.83 -25.35 30.00
C GLU D 133 27.36 -26.63 29.35
N TYR D 134 27.06 -27.82 29.88
CA TYR D 134 27.33 -29.08 29.19
C TYR D 134 26.24 -29.45 28.18
N GLY D 135 25.11 -28.76 28.19
CA GLY D 135 24.04 -29.01 27.25
C GLY D 135 24.31 -28.40 25.88
N THR D 136 23.31 -28.51 25.01
CA THR D 136 23.47 -28.12 23.62
C THR D 136 22.25 -27.37 23.08
N PHE D 137 21.30 -26.98 23.92
CA PHE D 137 20.04 -26.42 23.46
C PHE D 137 19.91 -24.98 23.95
N LEU D 138 19.76 -24.04 23.00
CA LEU D 138 19.64 -22.63 23.30
C LEU D 138 18.43 -22.05 22.60
N ALA D 139 18.10 -20.80 22.96
CA ALA D 139 17.00 -20.07 22.32
C ALA D 139 17.46 -18.64 22.03
N PRO D 140 16.72 -17.87 21.23
CA PRO D 140 17.07 -16.45 21.08
C PRO D 140 16.89 -15.75 22.41
N LEU D 141 17.80 -14.79 22.67
CA LEU D 141 17.82 -14.08 23.94
C LEU D 141 16.47 -13.41 24.19
N GLY D 142 15.91 -13.67 25.37
CA GLY D 142 14.69 -13.02 25.78
C GLY D 142 13.41 -13.54 25.14
N ALA D 143 13.47 -14.65 24.38
CA ALA D 143 12.26 -15.23 23.80
C ALA D 143 11.24 -15.55 24.91
N PRO D 144 9.97 -15.26 24.68
CA PRO D 144 8.95 -15.40 25.75
C PRO D 144 8.88 -16.84 26.24
N TYR D 145 8.69 -16.97 27.56
CA TYR D 145 8.68 -18.29 28.18
C TYR D 145 7.60 -19.18 27.58
N ILE D 146 6.43 -18.60 27.26
CA ILE D 146 5.33 -19.37 26.68
C ILE D 146 5.69 -19.98 25.33
N GLU D 147 6.64 -19.38 24.61
CA GLU D 147 7.11 -19.91 23.34
C GLU D 147 8.09 -21.06 23.50
N ARG D 148 8.60 -21.32 24.71
CA ARG D 148 9.65 -22.31 24.90
C ARG D 148 9.15 -23.72 25.25
N SER D 149 7.91 -23.85 25.65
CA SER D 149 7.34 -25.15 26.05
C SER D 149 8.17 -25.83 27.13
N LEU D 150 8.49 -25.06 28.16
CA LEU D 150 9.21 -25.58 29.30
C LEU D 150 8.27 -25.62 30.50
N PRO D 151 8.37 -26.64 31.35
CA PRO D 151 7.41 -26.82 32.45
C PRO D 151 7.61 -25.75 33.52
N PRO D 152 6.70 -25.65 34.49
CA PRO D 152 6.79 -24.56 35.50
C PRO D 152 8.05 -24.60 36.35
N SER D 153 8.63 -25.79 36.57
CA SER D 153 9.81 -25.91 37.41
C SER D 153 11.03 -25.18 36.83
N ASN D 154 11.07 -24.92 35.53
CA ASN D 154 12.20 -24.15 35.02
C ASN D 154 12.16 -22.68 35.46
N LEU D 155 11.03 -22.20 35.99
CA LEU D 155 10.96 -20.86 36.55
C LEU D 155 11.45 -20.76 38.00
N ASN D 156 11.83 -21.87 38.62
CA ASN D 156 12.37 -21.85 39.98
C ASN D 156 13.63 -21.00 40.02
N THR D 157 13.76 -20.22 41.08
CA THR D 157 14.76 -19.16 41.13
C THR D 157 15.36 -19.11 42.53
N PHE D 158 16.64 -18.73 42.60
CA PHE D 158 17.34 -18.48 43.87
C PHE D 158 17.36 -17.00 44.24
N ASP D 159 17.71 -16.12 43.31
CA ASP D 159 17.79 -14.69 43.62
C ASP D 159 16.48 -13.98 43.45
N GLY D 160 15.45 -14.68 42.96
CA GLY D 160 14.18 -14.05 42.69
C GLY D 160 14.13 -13.20 41.42
N MET D 161 15.25 -13.06 40.72
CA MET D 161 15.36 -12.22 39.54
C MET D 161 15.37 -13.02 38.23
N TYR D 162 16.17 -14.07 38.15
CA TYR D 162 16.24 -14.95 36.99
C TYR D 162 16.06 -16.40 37.41
N PRO D 163 15.56 -17.24 36.50
CA PRO D 163 15.50 -18.68 36.74
C PRO D 163 16.88 -19.25 37.05
N TYR D 164 16.89 -20.30 37.87
CA TYR D 164 18.13 -21.00 38.17
C TYR D 164 18.66 -21.65 36.90
N ASN D 165 19.99 -21.59 36.72
CA ASN D 165 20.64 -22.15 35.54
C ASN D 165 20.15 -21.47 34.25
N TYR D 166 19.90 -20.16 34.33
CA TYR D 166 19.63 -19.36 33.14
C TYR D 166 20.90 -18.62 32.76
N HIS D 167 21.25 -18.67 31.47
CA HIS D 167 22.50 -18.10 30.99
C HIS D 167 22.27 -17.37 29.69
N VAL D 168 23.09 -16.35 29.43
CA VAL D 168 23.03 -15.54 28.22
C VAL D 168 24.40 -15.55 27.54
N TYR D 169 24.39 -15.69 26.22
CA TYR D 169 25.61 -15.81 25.44
C TYR D 169 25.51 -14.92 24.21
N GLN D 170 26.67 -14.63 23.62
CA GLN D 170 26.72 -13.93 22.34
C GLN D 170 27.72 -14.61 21.42
N VAL D 171 27.31 -14.79 20.16
CA VAL D 171 28.16 -15.43 19.16
C VAL D 171 29.33 -14.50 18.84
N THR D 172 30.55 -15.00 19.05
CA THR D 172 31.77 -14.25 18.77
C THR D 172 32.52 -14.75 17.54
N LYS D 173 32.20 -15.95 17.05
CA LYS D 173 32.65 -16.42 15.75
C LYS D 173 31.53 -17.27 15.19
N GLU D 174 31.37 -17.21 13.86
CA GLU D 174 30.35 -17.97 13.16
C GLU D 174 30.52 -19.47 13.39
N PHE D 175 29.39 -20.17 13.46
CA PHE D 175 29.41 -21.62 13.51
C PHE D 175 28.00 -22.11 13.23
N VAL D 176 27.91 -23.41 12.92
CA VAL D 176 26.70 -24.01 12.40
C VAL D 176 25.96 -24.70 13.52
N VAL D 177 24.65 -24.44 13.61
CA VAL D 177 23.79 -25.12 14.56
C VAL D 177 22.58 -25.65 13.82
N GLY D 178 21.89 -26.58 14.46
CA GLY D 178 20.56 -26.93 14.05
C GLY D 178 19.57 -25.92 14.61
N LEU D 179 18.52 -25.69 13.84
CA LEU D 179 17.63 -24.56 14.10
C LEU D 179 16.23 -24.95 13.70
N GLY D 180 15.26 -24.81 14.60
CA GLY D 180 13.90 -25.13 14.25
C GLY D 180 12.88 -24.68 15.26
N PRO D 181 11.62 -24.74 14.86
CA PRO D 181 10.53 -24.34 15.75
C PRO D 181 10.29 -25.32 16.88
N ILE D 182 9.65 -24.82 17.94
CA ILE D 182 9.41 -25.55 19.20
C ILE D 182 7.96 -26.03 19.24
N ALA D 183 7.76 -27.32 19.48
CA ALA D 183 6.41 -27.84 19.53
C ALA D 183 5.67 -27.35 20.78
N PRO D 184 4.35 -27.22 20.71
CA PRO D 184 3.56 -26.97 21.94
C PRO D 184 3.66 -28.16 22.90
N TRP D 185 3.75 -27.85 24.19
CA TRP D 185 3.82 -28.87 25.25
C TRP D 185 3.59 -28.19 26.60
N PHE D 186 3.21 -28.99 27.58
CA PHE D 186 3.00 -28.53 28.96
C PHE D 186 1.91 -27.46 29.05
N GLU D 187 0.88 -27.55 28.19
CA GLU D 187 -0.17 -26.54 28.00
C GLU D 187 0.34 -25.22 27.41
N GLN D 188 1.61 -25.15 26.98
CA GLN D 188 2.10 -23.92 26.39
C GLN D 188 2.03 -23.97 24.87
N PRO D 189 1.85 -22.83 24.19
CA PRO D 189 1.73 -22.87 22.72
C PRO D 189 3.04 -23.16 21.99
N GLY D 190 4.20 -23.00 22.61
CA GLY D 190 5.47 -23.21 21.90
C GLY D 190 5.63 -22.22 20.74
N MET D 191 6.27 -22.67 19.67
CA MET D 191 6.47 -21.96 18.41
C MET D 191 7.47 -20.81 18.53
N GLY D 192 8.29 -20.82 19.57
CA GLY D 192 9.56 -20.12 19.47
C GLY D 192 10.51 -20.91 18.58
N THR D 193 11.76 -20.45 18.55
CA THR D 193 12.81 -21.16 17.83
C THR D 193 13.82 -21.71 18.84
N GLN D 194 14.31 -22.92 18.59
CA GLN D 194 15.39 -23.44 19.39
C GLN D 194 16.56 -23.85 18.49
N PHE D 195 17.75 -23.76 19.09
CA PHE D 195 19.03 -24.08 18.47
C PHE D 195 19.64 -25.27 19.19
N VAL D 196 20.18 -26.20 18.42
CA VAL D 196 20.90 -27.35 18.95
C VAL D 196 22.34 -27.26 18.44
N THR D 197 23.28 -27.14 19.35
CA THR D 197 24.66 -27.07 18.94
C THR D 197 25.22 -28.48 18.82
N TYR D 198 26.30 -28.61 18.08
CA TYR D 198 26.98 -29.90 17.93
C TYR D 198 28.27 -29.93 18.75
N THR D 199 28.51 -28.88 19.52
CA THR D 199 29.46 -28.86 20.62
C THR D 199 28.69 -28.32 21.80
N ASN D 200 28.98 -28.83 22.99
CA ASN D 200 28.38 -28.28 24.20
C ASN D 200 28.81 -26.83 24.37
N VAL D 201 28.00 -26.09 25.15
CA VAL D 201 28.18 -24.64 25.29
C VAL D 201 29.56 -24.30 25.85
N LEU D 202 30.05 -25.13 26.79
CA LEU D 202 31.36 -24.90 27.38
C LEU D 202 32.46 -25.03 26.33
N GLY D 203 32.36 -26.05 25.48
CA GLY D 203 33.30 -26.19 24.38
C GLY D 203 33.28 -25.00 23.44
N LEU D 204 32.08 -24.49 23.14
CA LEU D 204 31.98 -23.32 22.26
C LEU D 204 32.60 -22.08 22.91
N ILE D 205 32.44 -21.93 24.24
CA ILE D 205 33.05 -20.79 24.93
C ILE D 205 34.58 -20.89 24.89
N ASP D 206 35.12 -22.06 25.25
CA ASP D 206 36.56 -22.24 25.31
C ASP D 206 37.20 -22.11 23.94
N ASP D 207 36.46 -22.39 22.87
CA ASP D 207 36.96 -22.26 21.51
C ASP D 207 36.70 -20.88 20.90
N GLY D 208 36.06 -19.97 21.63
CA GLY D 208 35.88 -18.62 21.13
C GLY D 208 34.71 -18.41 20.19
N TYR D 209 33.76 -19.35 20.17
CA TYR D 209 32.59 -19.17 19.33
C TYR D 209 31.47 -18.45 20.06
N LEU D 210 31.45 -18.56 21.39
CA LEU D 210 30.50 -17.84 22.24
C LEU D 210 31.26 -17.15 23.36
N ARG D 211 30.70 -16.04 23.84
CA ARG D 211 31.12 -15.48 25.11
C ARG D 211 29.92 -15.37 26.05
N ARG D 212 30.20 -15.48 27.34
CA ARG D 212 29.20 -15.29 28.38
C ARG D 212 28.92 -13.82 28.58
N LEU D 213 27.64 -13.49 28.70
CA LEU D 213 27.22 -12.11 28.93
C LEU D 213 26.95 -11.91 30.41
N ASP D 214 27.40 -10.78 30.93
CA ASP D 214 26.99 -10.41 32.27
C ASP D 214 25.64 -9.72 32.23
N GLU D 215 25.00 -9.61 33.41
CA GLU D 215 23.66 -9.03 33.51
C GLU D 215 23.61 -7.58 33.02
N SER D 216 24.73 -6.85 33.14
CA SER D 216 24.89 -5.52 32.54
C SER D 216 24.70 -5.51 31.02
N GLU D 217 24.78 -6.66 30.34
CA GLU D 217 24.56 -6.75 28.92
C GLU D 217 23.24 -7.42 28.52
N TYR D 218 22.51 -8.04 29.46
CA TYR D 218 21.32 -8.83 29.17
C TYR D 218 20.28 -7.91 28.56
N ALA D 219 19.80 -6.96 29.37
CA ALA D 219 18.81 -5.99 28.92
C ALA D 219 19.40 -4.79 28.19
N ALA D 220 20.48 -5.01 27.42
CA ALA D 220 21.10 -3.96 26.61
C ALA D 220 20.07 -3.37 25.66
N LYS D 221 20.13 -2.04 25.47
CA LYS D 221 19.14 -1.36 24.63
C LYS D 221 19.74 -0.03 24.17
N VAL D 222 19.50 0.27 22.90
CA VAL D 222 19.84 1.59 22.37
C VAL D 222 19.00 2.64 23.07
N GLU D 223 19.64 3.73 23.50
CA GLU D 223 18.93 4.77 24.24
C GLU D 223 18.07 5.57 23.28
N TYR D 224 16.75 5.44 23.41
CA TYR D 224 15.79 6.26 22.67
C TYR D 224 15.33 7.37 23.62
N SER D 225 15.99 8.52 23.51
CA SER D 225 15.68 9.66 24.35
C SER D 225 16.14 10.91 23.61
N ASN D 226 15.71 12.07 24.12
CA ASN D 226 16.07 13.36 23.54
C ASN D 226 17.01 14.07 24.48
N PRO D 227 18.31 14.15 24.19
CA PRO D 227 19.24 14.84 25.12
C PRO D 227 19.02 16.36 25.24
N TYR D 228 18.12 16.95 24.45
CA TYR D 228 17.69 18.34 24.60
C TYR D 228 16.44 18.34 25.48
N THR D 229 16.67 18.55 26.79
CA THR D 229 15.75 18.59 27.93
C THR D 229 15.70 17.23 28.66
N PRO D 230 15.13 16.15 28.07
CA PRO D 230 15.19 14.84 28.81
C PRO D 230 16.61 14.29 29.05
C1 NAG E . -19.74 -15.04 -22.77
C2 NAG E . -20.43 -16.22 -23.43
C3 NAG E . -20.45 -16.02 -24.97
C4 NAG E . -21.09 -14.67 -25.31
C5 NAG E . -20.41 -13.55 -24.50
C6 NAG E . -21.07 -12.19 -24.68
C7 NAG E . -20.12 -18.25 -22.05
C8 NAG E . -19.30 -19.47 -21.83
N2 NAG E . -19.75 -17.45 -23.08
O3 NAG E . -21.18 -17.09 -25.57
O4 NAG E . -20.88 -14.36 -26.67
O5 NAG E . -20.42 -13.85 -23.10
O6 NAG E . -22.36 -12.14 -24.09
O7 NAG E . -21.11 -17.98 -21.35
C1 NAG E . -22.07 -14.53 -27.47
C2 NAG E . -22.14 -13.39 -28.50
C3 NAG E . -23.32 -13.60 -29.44
C4 NAG E . -23.25 -14.96 -30.11
C5 NAG E . -23.15 -16.05 -29.04
C6 NAG E . -22.91 -17.43 -29.62
C7 NAG E . -21.23 -11.19 -27.90
C8 NAG E . -20.02 -11.60 -28.67
N2 NAG E . -22.22 -12.09 -27.83
O3 NAG E . -23.32 -12.57 -30.43
O4 NAG E . -24.38 -15.20 -30.94
O5 NAG E . -22.05 -15.79 -28.16
O6 NAG E . -22.83 -18.41 -28.60
O7 NAG E . -21.32 -10.09 -27.35
C1 NAG F . -27.86 -10.60 -3.64
C2 NAG F . -28.41 -9.53 -2.73
C3 NAG F . -28.34 -9.97 -1.28
C4 NAG F . -29.04 -11.31 -1.08
C5 NAG F . -28.45 -12.34 -2.06
C6 NAG F . -29.16 -13.66 -2.04
C7 NAG F . -28.30 -7.20 -3.42
C8 NAG F . -27.44 -5.97 -3.58
N2 NAG F . -27.70 -8.27 -2.93
O3 NAG F . -28.95 -8.99 -0.45
O4 NAG F . -28.88 -11.78 0.25
O5 NAG F . -28.56 -11.84 -3.40
O6 NAG F . -30.57 -13.47 -1.95
O7 NAG F . -29.48 -7.20 -3.73
C1 NAG F . -30.09 -11.72 1.01
C2 NAG F . -29.81 -12.69 2.13
C3 NAG F . -30.99 -12.76 3.07
C4 NAG F . -31.31 -11.35 3.58
C5 NAG F . -31.48 -10.39 2.41
C6 NAG F . -31.60 -8.94 2.80
C7 NAG F . -28.26 -14.53 1.74
C8 NAG F . -28.11 -15.90 1.19
N2 NAG F . -29.49 -14.00 1.63
O3 NAG F . -30.53 -13.67 4.05
O4 NAG F . -32.50 -11.23 4.38
O5 NAG F . -30.34 -10.45 1.55
O6 NAG F . -30.35 -8.38 3.20
O7 NAG F . -27.34 -13.92 2.27
C1 BMA F . -32.22 -11.91 5.61
C2 BMA F . -31.70 -10.99 6.89
C3 BMA F . -30.98 -12.00 7.67
C4 BMA F . -31.90 -13.30 7.99
C5 BMA F . -32.72 -13.85 6.78
C6 BMA F . -33.65 -15.00 7.13
O2 BMA F . -32.85 -10.53 7.65
O3 BMA F . -30.40 -11.51 8.84
O4 BMA F . -31.05 -14.35 8.54
O5 BMA F . -33.37 -12.78 6.15
O6 BMA F . -34.18 -15.52 5.94
C1 FUC F . -31.20 -14.20 -2.97
C2 FUC F . -32.70 -14.27 -2.54
C3 FUC F . -33.30 -12.84 -2.56
C4 FUC F . -33.10 -12.27 -3.99
C5 FUC F . -31.60 -12.29 -4.35
C6 FUC F . -31.32 -11.83 -5.77
O2 FUC F . -32.87 -14.83 -1.29
O3 FUC F . -34.68 -12.98 -2.30
O4 FUC F . -33.84 -13.07 -4.94
O5 FUC F . -31.02 -13.58 -4.24
C1 NAG G . -30.28 24.03 -18.70
C2 NAG G . -30.44 24.27 -17.19
C3 NAG G . -31.57 23.39 -16.63
C4 NAG G . -32.87 23.64 -17.40
C5 NAG G . -32.64 23.43 -18.89
C6 NAG G . -33.85 23.76 -19.73
C7 NAG G . -28.43 24.97 -15.95
C8 NAG G . -27.19 24.53 -15.24
N2 NAG G . -29.19 24.01 -16.48
O3 NAG G . -31.75 23.73 -15.26
O4 NAG G . -33.86 22.73 -16.94
O5 NAG G . -31.56 24.25 -19.37
O6 NAG G . -33.45 24.11 -21.05
O7 NAG G . -28.73 26.16 -16.07
C1 FUC G . -34.56 24.04 -21.92
C2 FUC G . -34.07 24.71 -23.22
C3 FUC G . -32.87 23.92 -23.78
C4 FUC G . -33.29 22.46 -23.99
C5 FUC G . -33.84 21.89 -22.68
C6 FUC G . -34.40 20.48 -22.80
O2 FUC G . -33.71 26.08 -23.02
O3 FUC G . -32.42 24.46 -25.02
O4 FUC G . -34.30 22.38 -25.00
O5 FUC G . -34.91 22.71 -22.17
C1 NAG H . 18.22 29.14 -28.62
C2 NAG H . 19.63 29.61 -28.36
C3 NAG H . 20.20 28.90 -27.13
C4 NAG H . 19.27 29.07 -25.93
C5 NAG H . 17.83 28.68 -26.28
C6 NAG H . 16.85 29.01 -25.19
C7 NAG H . 20.95 30.40 -30.28
C8 NAG H . 21.84 29.99 -31.43
N2 NAG H . 20.50 29.40 -29.52
O3 NAG H . 21.50 29.42 -26.86
O4 NAG H . 19.68 28.21 -24.87
O5 NAG H . 17.40 29.38 -27.46
O6 NAG H . 17.05 30.33 -24.72
O7 NAG H . 20.68 31.57 -30.07
C1 NAG H . 20.42 28.89 -23.86
C2 NAG H . 20.33 28.05 -22.60
C3 NAG H . 21.21 28.65 -21.49
C4 NAG H . 22.64 28.87 -21.98
C5 NAG H . 22.60 29.68 -23.28
C6 NAG H . 23.95 29.86 -23.92
C7 NAG H . 18.25 26.79 -22.32
C8 NAG H . 16.84 26.81 -21.80
N2 NAG H . 18.96 27.92 -22.16
O3 NAG H . 21.21 27.77 -20.36
O4 NAG H . 23.38 29.59 -21.01
O5 NAG H . 21.76 29.04 -24.25
O6 NAG H . 24.52 28.62 -24.32
O7 NAG H . 18.73 25.78 -22.85
C1 BMA H . 24.22 28.74 -20.24
C2 BMA H . 25.38 29.62 -19.76
C3 BMA H . 26.28 28.83 -18.81
C4 BMA H . 25.44 28.13 -17.68
C5 BMA H . 24.29 27.32 -18.28
C6 BMA H . 23.36 26.74 -17.23
O2 BMA H . 24.91 30.74 -18.99
O3 BMA H . 27.35 29.64 -18.24
O4 BMA H . 26.27 27.25 -16.93
O5 BMA H . 23.52 28.20 -19.15
O6 BMA H . 22.26 26.18 -17.92
C1 MAN H . 21.49 25.39 -17.03
C2 MAN H . 20.40 24.68 -17.87
C3 MAN H . 19.40 25.74 -18.38
C4 MAN H . 18.84 26.62 -17.23
C5 MAN H . 19.99 27.22 -16.41
C6 MAN H . 19.50 27.94 -15.17
O2 MAN H . 19.59 23.77 -17.11
O3 MAN H . 18.31 25.17 -19.12
O4 MAN H . 18.04 27.67 -17.75
O5 MAN H . 20.90 26.17 -15.98
O6 MAN H . 20.64 28.31 -14.39
C1 FUC H . 15.86 30.83 -24.11
C2 FUC H . 16.25 32.21 -23.53
C3 FUC H . 16.62 33.17 -24.67
C4 FUC H . 15.45 33.26 -25.66
C5 FUC H . 15.08 31.86 -26.14
C6 FUC H . 13.85 31.82 -27.03
O2 FUC H . 17.33 32.10 -22.61
O3 FUC H . 16.90 34.49 -24.20
O4 FUC H . 14.33 33.84 -25.02
O5 FUC H . 14.80 30.98 -25.02
C1 NAG I . -14.26 31.57 -4.82
C2 NAG I . -15.29 32.42 -5.57
C3 NAG I . -14.77 33.84 -5.74
C4 NAG I . -14.38 34.44 -4.38
C5 NAG I . -13.39 33.51 -3.68
C6 NAG I . -13.03 33.94 -2.28
C7 NAG I . -16.85 31.34 -7.13
C8 NAG I . -17.84 31.39 -6.01
N2 NAG I . -15.64 31.85 -6.86
O3 NAG I . -15.75 34.65 -6.38
O4 NAG I . -13.77 35.71 -4.59
O5 NAG I . -13.94 32.18 -3.57
O6 NAG I . -12.51 32.83 -1.57
O7 NAG I . -17.12 30.87 -8.23
C1 FUC I . -11.66 33.25 -0.50
C2 FUC I . -11.16 31.92 0.09
C3 FUC I . -10.33 31.16 -0.96
C4 FUC I . -9.18 32.05 -1.45
C5 FUC I . -9.75 33.39 -1.95
C6 FUC I . -8.70 34.42 -2.34
O2 FUC I . -12.24 31.09 0.56
O3 FUC I . -9.75 30.00 -0.41
O4 FUC I . -8.28 32.31 -0.38
O5 FUC I . -10.59 34.03 -0.97
C1 NAG J . 13.26 8.78 -6.25
C2 NAG J . 13.96 8.06 -7.38
C3 NAG J . 15.42 8.56 -7.41
C4 NAG J . 15.45 10.08 -7.55
C5 NAG J . 14.51 10.70 -6.50
C6 NAG J . 14.24 12.17 -6.69
C7 NAG J . 13.63 5.60 -7.92
C8 NAG J . 13.83 5.90 -9.36
N2 NAG J . 13.82 6.64 -7.09
O3 NAG J . 16.24 8.06 -8.47
O4 NAG J . 16.70 10.77 -7.45
O5 NAG J . 13.23 10.07 -6.49
O6 NAG J . 13.30 12.64 -5.75
O7 NAG J . 13.45 4.44 -7.47
C1 NAG J . 17.37 11.02 -8.69
C2 NAG J . 18.58 11.84 -8.30
C3 NAG J . 19.47 12.10 -9.52
C4 NAG J . 19.86 10.79 -10.16
C5 NAG J . 18.61 9.99 -10.51
C6 NAG J . 18.92 8.60 -11.03
C7 NAG J . 17.57 14.10 -8.23
C8 NAG J . 17.29 15.28 -7.36
N2 NAG J . 18.21 13.08 -7.64
O3 NAG J . 20.63 12.81 -9.09
O4 NAG J . 20.63 11.01 -11.34
O5 NAG J . 17.78 9.81 -9.35
O6 NAG J . 19.78 8.66 -12.16
O7 NAG J . 17.25 14.06 -9.41
C1 FUC J . 13.39 14.05 -5.59
C2 FUC J . 12.26 14.45 -4.62
C3 FUC J . 12.47 13.77 -3.25
C4 FUC J . 13.86 14.14 -2.72
C5 FUC J . 14.92 13.77 -3.77
C6 FUC J . 16.33 14.19 -3.40
O2 FUC J . 10.97 14.15 -5.14
O3 FUC J . 11.48 14.18 -2.29
O4 FUC J . 13.92 15.56 -2.49
O5 FUC J . 14.63 14.39 -5.05
C1 NAG K . 5.37 -28.68 1.64
C2 NAG K . 6.49 -29.32 0.82
C3 NAG K . 6.62 -28.63 -0.55
C4 NAG K . 5.29 -28.55 -1.26
C5 NAG K . 4.24 -27.91 -0.35
C6 NAG K . 2.87 -27.88 -0.95
C7 NAG K . 8.27 -30.29 2.20
C8 NAG K . 9.59 -30.05 2.89
N2 NAG K . 7.74 -29.24 1.54
O3 NAG K . 7.58 -29.34 -1.34
O4 NAG K . 5.39 -27.73 -2.41
O5 NAG K . 4.15 -28.66 0.87
O6 NAG K . 2.48 -29.16 -1.44
O7 NAG K . 7.71 -31.38 2.23
C1 NAG K . 4.94 -28.42 -3.57
C2 NAG K . 4.73 -27.38 -4.66
C3 NAG K . 4.40 -28.05 -5.99
C4 NAG K . 5.44 -29.10 -6.35
C5 NAG K . 5.58 -30.09 -5.20
C6 NAG K . 6.68 -31.08 -5.41
C7 NAG K . 3.93 -25.22 -3.80
C8 NAG K . 2.73 -24.38 -3.47
N2 NAG K . 3.69 -26.45 -4.27
O3 NAG K . 4.39 -27.03 -6.99
O4 NAG K . 5.05 -29.78 -7.54
O5 NAG K . 5.90 -29.39 -3.99
O6 NAG K . 7.96 -30.45 -5.40
O7 NAG K . 5.07 -24.81 -3.61
C1 FUC K . 1.07 -29.17 -1.64
C2 FUC K . 0.78 -30.52 -2.34
C3 FUC K . 1.11 -31.68 -1.39
C4 FUC K . 0.36 -31.52 -0.06
C5 FUC K . 0.66 -30.13 0.52
C6 FUC K . -0.15 -29.80 1.79
O2 FUC K . 1.49 -30.64 -3.56
O3 FUC K . 0.73 -32.95 -1.95
O4 FUC K . -1.04 -31.67 -0.27
O5 FUC K . 0.36 -29.08 -0.43
C1 NAG L . 22.80 -30.94 10.31
C2 NAG L . 22.29 -32.08 9.41
C3 NAG L . 22.37 -33.43 10.14
C4 NAG L . 23.77 -33.65 10.71
C5 NAG L . 24.18 -32.46 11.57
C6 NAG L . 25.60 -32.56 12.06
C7 NAG L . 20.62 -31.49 7.70
C8 NAG L . 21.77 -31.38 6.76
N2 NAG L . 20.93 -31.83 8.97
O3 NAG L . 22.04 -34.50 9.26
O4 NAG L . 23.79 -34.82 11.53
O5 NAG L . 24.10 -31.26 10.79
O6 NAG L . 26.49 -32.77 10.97
O7 NAG L . 19.46 -31.29 7.34
C1 NAG L . 24.84 -35.71 11.15
C2 NAG L . 25.08 -36.72 12.28
C3 NAG L . 26.13 -37.75 11.85
C4 NAG L . 25.71 -38.43 10.56
C5 NAG L . 25.47 -37.39 9.47
C6 NAG L . 24.94 -37.98 8.19
C7 NAG L . 24.68 -35.79 14.52
C8 NAG L . 23.24 -36.20 14.34
N2 NAG L . 25.50 -36.05 13.50
O3 NAG L . 26.24 -38.69 12.91
O4 NAG L . 26.74 -39.33 10.14
O5 NAG L . 24.51 -36.42 9.91
O6 NAG L . 23.67 -38.59 8.38
O7 NAG L . 25.06 -35.22 15.54
C1 FUC L . 27.83 -32.58 11.39
C2 FUC L . 28.65 -32.98 10.17
C3 FUC L . 28.31 -32.05 9.00
C4 FUC L . 28.54 -30.58 9.42
C5 FUC L . 27.74 -30.30 10.70
C6 FUC L . 27.99 -28.91 11.28
O2 FUC L . 28.40 -34.34 9.80
O3 FUC L . 29.13 -32.30 7.87
O4 FUC L . 29.91 -30.38 9.69
O5 FUC L . 28.06 -31.25 11.74
O1 MES M . -25.94 8.19 -13.77
C2 MES M . -24.65 8.58 -14.22
C3 MES M . -24.37 8.23 -15.69
N4 MES M . -24.68 6.79 -15.94
C5 MES M . -25.94 6.29 -15.33
C6 MES M . -26.07 6.77 -13.89
C7 MES M . -24.37 6.15 -17.25
C8 MES M . -24.78 7.09 -18.39
S MES M . -25.10 6.40 -19.91
O1S MES M . -25.20 7.56 -20.82
O2S MES M . -23.91 5.52 -20.14
O3S MES M . -26.39 5.69 -19.83
H21 MES M . -24.54 9.65 -14.09
H22 MES M . -23.90 8.08 -13.60
H31 MES M . -23.33 8.44 -15.93
H32 MES M . -25.00 8.86 -16.33
HN4 MES M . -23.90 6.46 -15.41
H51 MES M . -25.94 5.20 -15.34
H52 MES M . -26.80 6.63 -15.91
H61 MES M . -27.05 6.48 -13.51
H62 MES M . -25.32 6.29 -13.27
H71 MES M . -24.90 5.21 -17.33
H72 MES M . -23.30 5.94 -17.30
H81 MES M . -23.98 7.83 -18.52
H82 MES M . -25.68 7.62 -18.07
C1 NAG N . 5.60 44.64 -35.23
C2 NAG N . 4.39 45.46 -34.83
C3 NAG N . 3.83 46.21 -36.05
C4 NAG N . 4.92 47.04 -36.72
C5 NAG N . 6.13 46.15 -37.01
C6 NAG N . 7.34 46.94 -37.48
C7 NAG N . 2.99 44.75 -32.95
C8 NAG N . 1.94 43.78 -32.50
N2 NAG N . 3.38 44.62 -34.21
O3 NAG N . 2.75 47.07 -35.70
O4 NAG N . 4.48 47.68 -37.93
O5 NAG N . 6.55 45.48 -35.82
O6 NAG N . 7.89 47.76 -36.46
O7 NAG N . 3.41 45.65 -32.24
O1 MES O . -4.35 34.19 -19.51
C2 MES O . -4.71 33.13 -18.63
C3 MES O . -3.49 32.87 -17.74
N4 MES O . -2.32 32.41 -18.54
C5 MES O . -2.03 33.27 -19.71
C6 MES O . -3.33 33.71 -20.39
C7 MES O . -1.02 32.10 -17.88
C8 MES O . -1.18 30.93 -16.90
S MES O . 0.22 30.74 -15.94
O1S MES O . 0.75 32.04 -15.52
O2S MES O . 1.19 29.95 -16.72
O3S MES O . -0.12 30.02 -14.70
H21 MES O . -5.57 33.41 -18.03
H22 MES O . -4.97 32.23 -19.20
H31 MES O . -3.75 32.13 -16.99
H32 MES O . -3.24 33.80 -17.23
HN4 MES O . -2.67 31.49 -18.77
H51 MES O . -1.42 32.72 -20.43
H52 MES O . -1.48 34.16 -19.39
H61 MES O . -3.09 34.51 -21.10
H62 MES O . -3.72 32.88 -20.95
H71 MES O . -0.66 32.98 -17.35
H72 MES O . -0.28 31.84 -18.65
H81 MES O . -1.36 30.01 -17.47
H82 MES O . -2.04 31.10 -16.26
C1 NAG P . -3.43 12.98 8.39
C2 NAG P . -4.53 13.70 7.58
C3 NAG P . -5.81 13.85 8.40
C4 NAG P . -6.27 12.46 8.84
C5 NAG P . -5.14 11.73 9.59
C6 NAG P . -5.51 10.30 9.92
C7 NAG P . -3.68 16.10 7.59
C8 NAG P . -3.63 16.09 9.10
N2 NAG P . -4.09 14.97 6.98
O3 NAG P . -6.80 14.51 7.60
O4 NAG P . -7.41 12.58 9.69
O5 NAG P . -3.93 11.68 8.81
O6 NAG P . -5.72 9.53 8.74
O7 NAG P . -3.34 17.09 6.95
C1 GOL Q . 2.17 -12.17 10.17
O1 GOL Q . 1.83 -11.96 8.90
C2 GOL Q . 3.63 -12.16 10.18
O2 GOL Q . 4.10 -11.95 11.46
C3 GOL Q . 3.91 -13.56 9.46
O3 GOL Q . 4.24 -13.13 8.14
H11 GOL Q . 1.85 -13.01 10.53
H12 GOL Q . 1.84 -11.48 10.77
HO1 GOL Q . 1.51 -12.76 8.62
H2 GOL Q . 4.10 -11.46 9.70
HO2 GOL Q . 3.93 -12.73 11.93
H31 GOL Q . 3.12 -14.14 9.52
H32 GOL Q . 4.62 -14.05 9.92
HO3 GOL Q . 3.42 -13.08 7.77
C1 GOL R . 18.90 -4.72 3.12
O1 GOL R . 18.64 -4.33 1.81
C2 GOL R . 20.43 -4.63 3.23
O2 GOL R . 20.88 -4.42 4.51
C3 GOL R . 20.94 -5.97 2.64
O3 GOL R . 20.49 -7.06 3.47
H11 GOL R . 18.60 -5.62 3.33
H12 GOL R . 18.49 -4.14 3.79
HO1 GOL R . 18.73 -5.05 1.35
H2 GOL R . 20.76 -3.87 2.72
HO2 GOL R . 20.44 -4.98 5.03
H31 GOL R . 21.91 -5.93 2.58
H32 GOL R . 20.63 -6.04 1.73
HO3 GOL R . 20.77 -6.91 4.27
C1 PEG S . -2.20 -4.39 3.34
O1 PEG S . -1.83 -5.75 3.20
C2 PEG S . -2.97 -4.17 4.58
O2 PEG S . -4.19 -4.89 4.57
C3 PEG S . -4.71 -5.13 5.86
C4 PEG S . -6.09 -5.65 5.77
O4 PEG S . -6.88 -5.03 4.74
H11 PEG S . -2.75 -4.13 2.58
H12 PEG S . -1.40 -3.85 3.37
HO1 PEG S . -1.48 -5.91 2.45
H21 PEG S . -3.17 -3.23 4.68
H22 PEG S . -2.45 -4.46 5.34
H31 PEG S . -4.72 -4.30 6.36
H32 PEG S . -4.16 -5.78 6.32
H41 PEG S . -6.53 -5.51 6.62
H42 PEG S . -6.04 -6.60 5.58
HO4 PEG S . -7.71 -5.17 4.86
C1 NAG T . 11.66 -40.06 45.56
C2 NAG T . 11.38 -40.85 46.80
C3 NAG T . 12.17 -40.34 48.00
C4 NAG T . 13.66 -40.21 47.64
C5 NAG T . 13.82 -39.38 46.37
C6 NAG T . 15.25 -39.09 45.97
C7 NAG T . 9.16 -39.87 47.31
C8 NAG T . 7.69 -40.16 47.59
N2 NAG T . 9.95 -40.94 47.13
O3 NAG T . 12.08 -41.28 49.04
O4 NAG T . 14.45 -39.74 48.72
O5 NAG T . 13.19 -40.10 45.30
O6 NAG T . 16.19 -39.47 46.95
O7 NAG T . 9.58 -38.68 47.32
C1 GOL U . 15.59 -22.81 26.70
O1 GOL U . 14.59 -22.41 25.83
C2 GOL U . 16.69 -23.51 25.90
O2 GOL U . 17.81 -23.73 26.69
C3 GOL U . 16.03 -24.83 25.45
O3 GOL U . 15.70 -24.60 24.12
H11 GOL U . 15.28 -23.41 27.38
H12 GOL U . 15.99 -22.06 27.16
HO1 GOL U . 14.01 -22.03 26.30
H2 GOL U . 16.99 -22.98 25.13
HO2 GOL U . 17.55 -24.20 27.41
H31 GOL U . 15.26 -25.03 26.01
H32 GOL U . 16.65 -25.57 25.58
HO3 GOL U . 15.02 -24.05 24.15
C1 EDO V . 6.80 -10.84 31.66
O1 EDO V . 5.56 -11.13 32.29
C2 EDO V . 7.34 -9.59 32.34
O2 EDO V . 8.69 -9.39 31.86
H11 EDO V . 6.68 -10.69 30.59
H12 EDO V . 7.49 -11.68 31.79
HO1 EDO V . 5.07 -11.77 31.75
H21 EDO V . 7.34 -9.71 33.42
H22 EDO V . 6.73 -8.72 32.10
HO2 EDO V . 9.09 -8.63 32.30
C1 GOL W . -0.52 -35.84 25.99
O1 GOL W . -0.16 -35.00 24.91
C2 GOL W . 0.41 -35.48 27.17
O2 GOL W . 0.04 -36.09 28.36
C3 GOL W . 1.82 -35.96 26.76
O3 GOL W . 2.14 -37.03 27.61
H11 GOL W . -0.43 -36.79 25.78
H12 GOL W . -1.44 -35.73 26.27
HO1 GOL W . -0.85 -34.63 24.66
H2 GOL W . 0.38 -34.52 27.30
HO2 GOL W . -0.20 -36.89 28.19
H31 GOL W . 2.43 -35.21 26.83
H32 GOL W . 1.81 -36.19 25.81
HO3 GOL W . 2.82 -36.79 28.07
#